data_1O69
#
_entry.id   1O69
#
_cell.length_a   151.774
_cell.length_b   151.774
_cell.length_c   76.986
_cell.angle_alpha   90.00
_cell.angle_beta   90.00
_cell.angle_gamma   120.00
#
_symmetry.space_group_name_H-M   'P 65'
#
loop_
_entity.id
_entity.type
_entity.pdbx_description
1 polymer aminotransferase
2 non-polymer '(2-AMINO-4-FORMYL-5-HYDROXY-6-METHYLPYRIDIN-3-YL)METHYL DIHYDROGEN PHOSPHATE'
3 non-polymer BETA-MERCAPTOETHANOL
4 water water
#
_entity_poly.entity_id   1
_entity_poly.type   'polypeptide(L)'
_entity_poly.pdbx_seq_one_letter_code
;MRFFLSPPHMGGNELKYIEEVFKSNYIAPLGEFVNRFEQSVKDYSKSENALALNSATAALHLALRVAGVKQDDIVLASSF
TFIASVAPICYLKAKPVFIDCDETYNIDVDLLKLAIKECEKKPKALILTHLYGNAAKMDEIVEICKENDIVLIEDAAEAL
GSFYKNKALGTFGEFGVYSYNGNKIITTSGGGMLIGKNKEKIEKARFYSTQARENCLHYEHLDYGYNYRLSNVLGAIGVA
QMEVLEQRVLKKREIYEWYKEFLGEYFSFLDELENSRSNRWLSTALINFDKNELNACQKDINISQKNITLHPKISKLIED
LKNKQIETRPLWKAMHTQEVFKGAKAYLNGNSELFFQKGICLPSGTAMSKDDVYEISKLILKSIKAGSHHHHHH
;
_entity_poly.pdbx_strand_id   A,B
#
loop_
_chem_comp.id
_chem_comp.type
_chem_comp.name
_chem_comp.formula
BME non-polymer BETA-MERCAPTOETHANOL 'C2 H6 O S'
X04 non-polymer '(2-AMINO-4-FORMYL-5-HYDROXY-6-METHYLPYRIDIN-3-YL)METHYL DIHYDROGEN PHOSPHATE' 'C8 H11 N2 O6 P'
#
# COMPACT_ATOMS: atom_id res chain seq x y z
N GLY A 12 2.08 2.45 -26.41
CA GLY A 12 0.91 1.53 -26.32
C GLY A 12 -0.38 2.32 -26.13
N ASN A 13 -1.38 1.65 -25.56
CA ASN A 13 -2.69 2.25 -25.37
C ASN A 13 -2.86 2.88 -23.99
N GLU A 14 -1.74 3.08 -23.28
CA GLU A 14 -1.76 3.58 -21.90
C GLU A 14 -2.48 4.91 -21.79
N LEU A 15 -2.13 5.88 -22.62
CA LEU A 15 -2.80 7.18 -22.55
C LEU A 15 -4.25 7.12 -23.00
N LYS A 16 -4.52 6.30 -24.01
CA LYS A 16 -5.89 6.10 -24.47
C LYS A 16 -6.75 5.55 -23.34
N TYR A 17 -6.26 4.52 -22.65
CA TYR A 17 -7.10 3.93 -21.58
C TYR A 17 -7.26 4.88 -20.40
N ILE A 18 -6.19 5.58 -20.06
CA ILE A 18 -6.27 6.54 -18.95
C ILE A 18 -7.33 7.60 -19.28
N GLU A 19 -7.30 8.10 -20.51
CA GLU A 19 -8.33 9.07 -20.91
C GLU A 19 -9.73 8.47 -20.78
N GLU A 20 -9.90 7.21 -21.17
CA GLU A 20 -11.22 6.58 -21.05
C GLU A 20 -11.63 6.49 -19.59
N VAL A 21 -10.68 6.21 -18.69
CA VAL A 21 -11.01 6.20 -17.25
C VAL A 21 -11.58 7.57 -16.81
N PHE A 22 -10.90 8.63 -17.17
CA PHE A 22 -11.33 9.96 -16.72
C PHE A 22 -12.66 10.34 -17.35
N LYS A 23 -12.83 9.98 -18.61
CA LYS A 23 -14.07 10.37 -19.33
C LYS A 23 -15.25 9.63 -18.86
N SER A 24 -15.09 8.34 -18.54
CA SER A 24 -16.23 7.47 -18.26
C SER A 24 -16.47 7.18 -16.78
N ASN A 25 -15.62 7.75 -15.92
CA ASN A 25 -15.69 7.50 -14.49
C ASN A 25 -17.10 7.72 -13.96
N TYR A 26 -17.73 8.78 -14.46
CA TYR A 26 -19.07 9.19 -13.99
C TYR A 26 -20.17 8.12 -14.25
N ILE A 27 -19.95 7.25 -15.23
CA ILE A 27 -21.05 6.44 -15.81
C ILE A 27 -20.80 4.92 -15.85
N ALA A 28 -19.53 4.55 -15.86
CA ALA A 28 -19.13 3.17 -16.15
C ALA A 28 -19.12 2.29 -14.91
N PRO A 29 -19.05 0.97 -15.11
CA PRO A 29 -18.97 0.05 -13.99
C PRO A 29 -17.77 0.41 -13.09
N LEU A 30 -17.96 0.20 -11.80
CA LEU A 30 -16.91 0.52 -10.81
C LEU A 30 -15.67 -0.33 -11.14
N GLY A 31 -14.51 0.33 -11.25
CA GLY A 31 -13.26 -0.42 -11.39
C GLY A 31 -13.12 -1.18 -12.69
N GLU A 32 -13.79 -0.71 -13.75
CA GLU A 32 -13.83 -1.38 -15.02
C GLU A 32 -12.42 -1.75 -15.54
N PHE A 33 -11.47 -0.83 -15.48
CA PHE A 33 -10.13 -1.17 -15.91
C PHE A 33 -9.33 -2.10 -14.97
N VAL A 34 -9.61 -2.05 -13.68
CA VAL A 34 -9.06 -3.05 -12.74
C VAL A 34 -9.59 -4.43 -13.10
N ASN A 35 -10.90 -4.53 -13.36
CA ASN A 35 -11.50 -5.81 -13.74
C ASN A 35 -10.83 -6.33 -15.01
N ARG A 36 -10.67 -5.46 -15.99
CA ARG A 36 -10.06 -5.87 -17.25
C ARG A 36 -8.61 -6.30 -17.09
N PHE A 37 -7.88 -5.59 -16.21
CA PHE A 37 -6.48 -5.98 -15.96
C PHE A 37 -6.43 -7.39 -15.35
N GLU A 38 -7.29 -7.69 -14.38
CA GLU A 38 -7.32 -8.99 -13.76
C GLU A 38 -7.66 -10.05 -14.83
N GLN A 39 -8.63 -9.71 -15.68
CA GLN A 39 -8.99 -10.63 -16.80
C GLN A 39 -7.80 -10.89 -17.71
N SER A 40 -7.08 -9.84 -18.08
CA SER A 40 -5.95 -10.05 -18.98
C SER A 40 -4.84 -10.92 -18.37
N VAL A 41 -4.66 -10.84 -17.04
CA VAL A 41 -3.69 -11.69 -16.37
C VAL A 41 -4.16 -13.14 -16.25
N LYS A 42 -5.46 -13.32 -16.00
CA LYS A 42 -6.04 -14.65 -16.06
C LYS A 42 -5.88 -15.28 -17.47
N ASP A 43 -6.14 -14.49 -18.52
CA ASP A 43 -6.01 -14.94 -19.93
C ASP A 43 -4.55 -15.39 -20.20
N TYR A 44 -3.58 -14.57 -19.77
CA TYR A 44 -2.18 -14.92 -19.99
C TYR A 44 -1.67 -16.09 -19.17
N SER A 45 -1.89 -16.05 -17.85
CA SER A 45 -1.33 -17.04 -16.93
C SER A 45 -2.15 -18.31 -16.84
N LYS A 46 -3.41 -18.21 -17.25
CA LYS A 46 -4.43 -19.27 -17.07
C LYS A 46 -4.76 -19.54 -15.63
N SER A 47 -4.46 -18.60 -14.73
CA SER A 47 -4.96 -18.73 -13.35
C SER A 47 -6.46 -18.48 -13.37
N GLU A 48 -7.16 -19.11 -12.44
CA GLU A 48 -8.62 -18.92 -12.30
C GLU A 48 -9.03 -17.71 -11.48
N ASN A 49 -8.09 -17.16 -10.70
CA ASN A 49 -8.45 -16.09 -9.75
C ASN A 49 -7.35 -15.04 -9.76
N ALA A 50 -7.72 -13.76 -9.84
CA ALA A 50 -6.71 -12.69 -9.92
C ALA A 50 -7.23 -11.49 -9.16
N LEU A 51 -6.34 -10.86 -8.37
CA LEU A 51 -6.69 -9.73 -7.53
C LEU A 51 -5.65 -8.62 -7.70
N ALA A 52 -6.05 -7.47 -8.27
CA ALA A 52 -5.13 -6.36 -8.57
C ALA A 52 -4.98 -5.49 -7.33
N LEU A 53 -3.72 -5.27 -6.98
CA LEU A 53 -3.36 -4.62 -5.73
C LEU A 53 -2.29 -3.56 -6.00
N ASN A 54 -1.99 -2.73 -4.99
CA ASN A 54 -1.09 -1.63 -5.27
C ASN A 54 0.40 -1.99 -5.29
N SER A 55 0.77 -3.22 -4.91
CA SER A 55 2.17 -3.66 -5.04
C SER A 55 2.24 -5.18 -4.94
N ALA A 56 3.36 -5.74 -5.38
CA ALA A 56 3.57 -7.16 -5.15
C ALA A 56 3.82 -7.43 -3.68
N THR A 57 4.41 -6.48 -2.97
CA THR A 57 4.58 -6.66 -1.53
C THR A 57 3.24 -6.83 -0.84
N ALA A 58 2.28 -5.99 -1.20
CA ALA A 58 0.93 -6.11 -0.66
C ALA A 58 0.32 -7.49 -1.00
N ALA A 59 0.59 -7.98 -2.21
CA ALA A 59 0.01 -9.28 -2.64
C ALA A 59 0.58 -10.42 -1.79
N LEU A 60 1.90 -10.39 -1.58
CA LEU A 60 2.55 -11.38 -0.68
C LEU A 60 2.03 -11.35 0.76
N HIS A 61 1.89 -10.14 1.31
CA HIS A 61 1.29 -9.94 2.63
C HIS A 61 -0.11 -10.56 2.73
N LEU A 62 -0.95 -10.26 1.76
CA LEU A 62 -2.31 -10.87 1.78
C LEU A 62 -2.23 -12.40 1.61
N ALA A 63 -1.37 -12.88 0.70
CA ALA A 63 -1.17 -14.37 0.52
C ALA A 63 -0.80 -15.03 1.86
N LEU A 64 0.15 -14.43 2.58
CA LEU A 64 0.57 -15.00 3.86
C LEU A 64 -0.56 -14.97 4.88
N ARG A 65 -1.28 -13.85 4.94
CA ARG A 65 -2.34 -13.75 5.93
C ARG A 65 -3.46 -14.74 5.62
N VAL A 66 -3.89 -14.81 4.37
CA VAL A 66 -5.02 -15.73 4.04
C VAL A 66 -4.63 -17.20 4.12
N ALA A 67 -3.34 -17.46 3.93
CA ALA A 67 -2.75 -18.79 4.16
C ALA A 67 -2.72 -19.20 5.66
N GLY A 68 -2.99 -18.27 6.56
CA GLY A 68 -3.09 -18.57 7.99
C GLY A 68 -1.81 -18.34 8.77
N VAL A 69 -0.83 -17.63 8.20
CA VAL A 69 0.42 -17.35 8.92
C VAL A 69 0.16 -16.38 10.10
N LYS A 70 0.63 -16.73 11.29
CA LYS A 70 0.48 -15.91 12.52
C LYS A 70 1.84 -15.62 13.13
N GLN A 71 1.84 -14.79 14.16
CA GLN A 71 3.05 -14.45 14.90
C GLN A 71 3.74 -15.75 15.33
N ASP A 72 5.07 -15.78 15.19
CA ASP A 72 5.94 -16.93 15.46
C ASP A 72 5.83 -18.19 14.61
N ASP A 73 4.95 -18.23 13.62
CA ASP A 73 4.99 -19.29 12.63
C ASP A 73 6.29 -19.17 11.82
N ILE A 74 6.70 -20.29 11.21
CA ILE A 74 7.90 -20.33 10.38
C ILE A 74 7.53 -20.24 8.91
N VAL A 75 8.23 -19.35 8.20
CA VAL A 75 8.06 -19.21 6.75
C VAL A 75 9.41 -19.34 6.10
N LEU A 76 9.53 -20.30 5.19
CA LEU A 76 10.79 -20.51 4.47
C LEU A 76 10.81 -19.46 3.35
N ALA A 77 12.00 -19.02 2.97
CA ALA A 77 12.12 -18.03 1.90
C ALA A 77 13.46 -18.11 1.21
N SER A 78 13.51 -17.57 -0.01
CA SER A 78 14.75 -17.45 -0.77
C SER A 78 15.68 -16.47 -0.10
N SER A 79 16.96 -16.85 0.04
CA SER A 79 17.94 -15.88 0.52
C SER A 79 18.32 -14.88 -0.59
N PHE A 80 18.47 -15.37 -1.83
CA PHE A 80 18.97 -14.56 -2.94
C PHE A 80 17.69 -13.94 -3.53
N THR A 81 17.35 -12.76 -3.03
CA THR A 81 16.11 -12.07 -3.43
C THR A 81 16.21 -10.60 -3.01
N PHE A 82 15.17 -9.84 -3.34
CA PHE A 82 14.97 -8.49 -2.89
C PHE A 82 14.17 -8.62 -1.59
N ILE A 83 14.51 -7.80 -0.60
CA ILE A 83 13.84 -7.86 0.69
C ILE A 83 12.31 -7.65 0.60
N ALA A 84 11.83 -6.99 -0.46
CA ALA A 84 10.37 -6.83 -0.59
C ALA A 84 9.63 -8.18 -0.61
N SER A 85 10.32 -9.23 -1.05
CA SER A 85 9.71 -10.58 -1.08
C SER A 85 9.51 -11.18 0.31
N VAL A 86 10.30 -10.72 1.31
CA VAL A 86 10.27 -11.33 2.64
C VAL A 86 9.80 -10.42 3.77
N ALA A 87 9.80 -9.10 3.52
CA ALA A 87 9.27 -8.14 4.50
C ALA A 87 7.89 -8.53 5.01
N PRO A 88 6.98 -9.06 4.19
CA PRO A 88 5.66 -9.46 4.74
C PRO A 88 5.75 -10.52 5.84
N ILE A 89 6.80 -11.35 5.84
CA ILE A 89 6.99 -12.26 6.99
C ILE A 89 7.10 -11.45 8.28
N CYS A 90 7.92 -10.39 8.24
CA CYS A 90 8.09 -9.49 9.39
C CYS A 90 6.80 -8.76 9.79
N TYR A 91 5.94 -8.39 8.81
CA TYR A 91 4.68 -7.69 9.12
C TYR A 91 3.84 -8.52 10.04
N LEU A 92 3.83 -9.83 9.79
CA LEU A 92 3.00 -10.77 10.56
C LEU A 92 3.71 -11.29 11.79
N LYS A 93 4.96 -10.84 11.98
CA LYS A 93 5.82 -11.24 13.09
C LYS A 93 6.06 -12.74 13.08
N ALA A 94 6.14 -13.28 11.86
CA ALA A 94 6.54 -14.69 11.64
C ALA A 94 8.07 -14.73 11.53
N LYS A 95 8.65 -15.93 11.49
CA LYS A 95 10.09 -16.10 11.59
C LYS A 95 10.55 -16.64 10.26
N PRO A 96 11.43 -15.90 9.56
CA PRO A 96 11.90 -16.36 8.26
C PRO A 96 13.02 -17.40 8.41
N VAL A 97 13.06 -18.38 7.52
CA VAL A 97 14.19 -19.26 7.40
C VAL A 97 14.66 -19.19 5.96
N PHE A 98 15.90 -18.76 5.75
CA PHE A 98 16.40 -18.48 4.40
C PHE A 98 17.19 -19.62 3.77
N ILE A 99 17.04 -19.77 2.45
CA ILE A 99 17.64 -20.89 1.73
C ILE A 99 18.43 -20.37 0.54
N ASP A 100 19.68 -20.79 0.45
CA ASP A 100 20.59 -20.43 -0.64
C ASP A 100 20.14 -21.00 -1.98
N CYS A 101 20.81 -20.62 -3.05
CA CYS A 101 20.28 -20.88 -4.39
C CYS A 101 21.11 -21.88 -5.18
N ASP A 102 20.60 -22.29 -6.33
CA ASP A 102 21.28 -23.21 -7.24
C ASP A 102 21.67 -22.51 -8.51
N GLU A 103 22.04 -23.28 -9.56
CA GLU A 103 22.46 -22.71 -10.85
C GLU A 103 21.35 -21.92 -11.58
N THR A 104 20.10 -21.99 -11.10
CA THR A 104 19.03 -21.18 -11.72
C THR A 104 18.90 -19.82 -11.05
N TYR A 105 19.62 -19.62 -9.94
CA TYR A 105 19.52 -18.44 -9.05
C TYR A 105 18.44 -18.61 -7.97
N ASN A 106 17.76 -19.75 -8.02
CA ASN A 106 16.61 -20.02 -7.16
C ASN A 106 16.90 -21.04 -6.08
N ILE A 107 15.97 -21.19 -5.13
CA ILE A 107 16.17 -22.09 -3.99
C ILE A 107 16.68 -23.47 -4.42
N ASP A 108 17.75 -23.87 -3.75
CA ASP A 108 18.34 -25.16 -4.02
C ASP A 108 17.48 -26.28 -3.38
N VAL A 109 17.20 -27.32 -4.16
CA VAL A 109 16.36 -28.43 -3.70
C VAL A 109 16.90 -29.16 -2.47
N ASP A 110 18.19 -29.51 -2.47
CA ASP A 110 18.82 -30.21 -1.33
C ASP A 110 18.75 -29.35 -0.07
N LEU A 111 18.99 -28.05 -0.19
CA LEU A 111 18.96 -27.20 1.00
C LEU A 111 17.54 -27.02 1.49
N LEU A 112 16.57 -26.96 0.59
CA LEU A 112 15.16 -26.88 1.00
C LEU A 112 14.80 -28.12 1.84
N LYS A 113 15.21 -29.30 1.35
CA LYS A 113 14.92 -30.53 2.08
C LYS A 113 15.56 -30.51 3.46
N LEU A 114 16.83 -30.13 3.51
CA LEU A 114 17.55 -29.99 4.76
C LEU A 114 16.87 -29.05 5.74
N ALA A 115 16.47 -27.87 5.25
CA ALA A 115 15.86 -26.86 6.10
C ALA A 115 14.55 -27.38 6.73
N ILE A 116 13.74 -28.06 5.92
CA ILE A 116 12.46 -28.56 6.41
C ILE A 116 12.73 -29.59 7.49
N LYS A 117 13.64 -30.51 7.20
CA LYS A 117 13.88 -31.60 8.15
C LYS A 117 14.45 -31.08 9.47
N GLU A 118 15.26 -30.03 9.41
CA GLU A 118 15.83 -29.45 10.64
C GLU A 118 14.97 -28.40 11.34
N CYS A 119 13.81 -28.08 10.79
CA CYS A 119 12.89 -27.17 11.48
C CYS A 119 12.38 -27.75 12.79
N GLU A 120 12.53 -26.99 13.87
CA GLU A 120 12.00 -27.40 15.18
C GLU A 120 10.48 -27.40 15.20
N LYS A 121 9.91 -26.59 14.33
CA LYS A 121 8.47 -26.46 14.15
C LYS A 121 8.23 -26.61 12.65
N LYS A 122 7.11 -27.20 12.25
CA LYS A 122 6.80 -27.37 10.83
C LYS A 122 6.50 -26.03 10.15
N PRO A 123 7.19 -25.73 9.04
CA PRO A 123 7.01 -24.44 8.37
C PRO A 123 5.60 -24.34 7.81
N LYS A 124 4.95 -23.18 7.96
CA LYS A 124 3.62 -23.00 7.38
C LYS A 124 3.63 -22.77 5.89
N ALA A 125 4.64 -22.06 5.40
CA ALA A 125 4.65 -21.66 4.00
C ALA A 125 6.07 -21.51 3.48
N LEU A 126 6.21 -21.48 2.16
CA LEU A 126 7.46 -21.13 1.47
C LEU A 126 7.15 -20.03 0.48
N ILE A 127 7.91 -18.93 0.55
CA ILE A 127 7.85 -17.91 -0.49
C ILE A 127 9.02 -18.20 -1.39
N LEU A 128 8.72 -18.64 -2.61
CA LEU A 128 9.72 -19.03 -3.59
C LEU A 128 9.89 -17.93 -4.64
N THR A 129 11.07 -17.33 -4.74
CA THR A 129 11.28 -16.28 -5.72
C THR A 129 11.78 -16.94 -7.03
N HIS A 130 11.28 -16.46 -8.16
CA HIS A 130 11.85 -16.82 -9.47
C HIS A 130 12.73 -15.66 -9.89
N LEU A 131 14.00 -15.78 -9.59
CA LEU A 131 14.86 -14.61 -9.64
C LEU A 131 15.31 -14.20 -11.06
N TYR A 132 15.19 -12.90 -11.35
CA TYR A 132 15.48 -12.32 -12.68
C TYR A 132 14.61 -12.99 -13.75
N GLY A 133 13.52 -13.61 -13.29
CA GLY A 133 12.59 -14.31 -14.20
C GLY A 133 12.89 -15.76 -14.47
N ASN A 134 14.03 -16.26 -13.99
CA ASN A 134 14.33 -17.69 -14.18
C ASN A 134 13.39 -18.57 -13.40
N ALA A 135 12.92 -19.65 -14.02
CA ALA A 135 12.17 -20.69 -13.32
C ALA A 135 13.03 -21.43 -12.32
N ALA A 136 12.47 -21.68 -11.13
CA ALA A 136 13.03 -22.60 -10.16
C ALA A 136 12.70 -24.05 -10.61
N LYS A 137 13.23 -25.03 -9.88
CA LYS A 137 12.99 -26.44 -10.17
C LYS A 137 11.64 -26.88 -9.63
N MET A 138 10.59 -26.61 -10.40
CA MET A 138 9.21 -26.66 -9.90
C MET A 138 8.72 -28.09 -9.57
N ASP A 139 9.00 -29.05 -10.45
CA ASP A 139 8.57 -30.44 -10.16
C ASP A 139 9.01 -30.89 -8.78
N GLU A 140 10.29 -30.69 -8.46
CA GLU A 140 10.82 -31.09 -7.16
C GLU A 140 10.25 -30.22 -6.04
N ILE A 141 10.19 -28.91 -6.26
CA ILE A 141 9.78 -28.03 -5.16
C ILE A 141 8.30 -28.16 -4.86
N VAL A 142 7.47 -28.31 -5.89
CA VAL A 142 6.04 -28.50 -5.68
C VAL A 142 5.79 -29.81 -4.88
N GLU A 143 6.49 -30.89 -5.24
CA GLU A 143 6.40 -32.17 -4.54
C GLU A 143 6.87 -32.08 -3.09
N ILE A 144 7.99 -31.40 -2.83
CA ILE A 144 8.49 -31.25 -1.47
C ILE A 144 7.44 -30.51 -0.61
N CYS A 145 6.84 -29.43 -1.15
CA CYS A 145 5.86 -28.67 -0.37
C CYS A 145 4.62 -29.51 -0.10
N LYS A 146 4.14 -30.19 -1.13
CA LYS A 146 2.97 -31.07 -0.98
C LYS A 146 3.19 -32.15 0.10
N GLU A 147 4.34 -32.81 0.04
CA GLU A 147 4.64 -33.90 0.98
C GLU A 147 4.79 -33.40 2.40
N ASN A 148 5.19 -32.13 2.56
CA ASN A 148 5.36 -31.60 3.89
C ASN A 148 4.22 -30.69 4.40
N ASP A 149 3.14 -30.63 3.62
CA ASP A 149 2.00 -29.79 3.90
C ASP A 149 2.43 -28.32 4.06
N ILE A 150 3.23 -27.82 3.12
CA ILE A 150 3.72 -26.43 3.18
C ILE A 150 3.02 -25.67 2.11
N VAL A 151 2.46 -24.52 2.45
CA VAL A 151 1.77 -23.71 1.44
C VAL A 151 2.84 -23.08 0.54
N LEU A 152 2.75 -23.33 -0.76
CA LEU A 152 3.72 -22.74 -1.67
C LEU A 152 3.18 -21.39 -2.17
N ILE A 153 3.93 -20.31 -1.90
CA ILE A 153 3.60 -18.98 -2.44
C ILE A 153 4.69 -18.58 -3.45
N GLU A 154 4.35 -18.41 -4.72
CA GLU A 154 5.37 -18.02 -5.68
C GLU A 154 5.53 -16.49 -5.75
N ASP A 155 6.74 -16.03 -5.49
CA ASP A 155 7.04 -14.63 -5.72
C ASP A 155 7.55 -14.54 -7.15
N ALA A 156 6.62 -14.33 -8.08
CA ALA A 156 6.97 -14.20 -9.50
C ALA A 156 6.99 -12.71 -9.87
N ALA A 157 7.40 -11.85 -8.93
CA ALA A 157 7.31 -10.39 -9.14
C ALA A 157 7.98 -9.97 -10.43
N GLU A 158 9.17 -10.55 -10.70
CA GLU A 158 10.03 -10.22 -11.86
C GLU A 158 9.85 -11.19 -13.02
N ALA A 159 8.94 -12.13 -12.85
CA ALA A 159 8.86 -13.33 -13.68
C ALA A 159 7.56 -13.42 -14.48
N LEU A 160 6.86 -12.29 -14.67
CA LEU A 160 5.64 -12.35 -15.48
C LEU A 160 6.07 -12.61 -16.94
N GLY A 161 5.54 -13.66 -17.60
CA GLY A 161 6.01 -14.00 -18.94
C GLY A 161 6.99 -15.18 -18.91
N SER A 162 7.41 -15.59 -17.72
CA SER A 162 8.16 -16.81 -17.57
C SER A 162 7.28 -18.03 -17.46
N PHE A 163 7.81 -19.15 -17.96
CA PHE A 163 7.10 -20.42 -17.99
C PHE A 163 8.02 -21.56 -17.61
N TYR A 164 7.41 -22.63 -17.11
CA TYR A 164 8.10 -23.88 -16.80
C TYR A 164 7.21 -24.98 -17.39
N LYS A 165 7.75 -25.75 -18.31
CA LYS A 165 6.95 -26.82 -18.95
C LYS A 165 5.59 -26.33 -19.41
N ASN A 166 5.61 -25.19 -20.10
CA ASN A 166 4.43 -24.58 -20.72
C ASN A 166 3.34 -24.08 -19.77
N LYS A 167 3.68 -23.96 -18.49
CA LYS A 167 2.80 -23.42 -17.48
C LYS A 167 3.40 -22.13 -16.87
N ALA A 168 2.58 -21.09 -16.72
CA ALA A 168 3.07 -19.77 -16.29
C ALA A 168 3.58 -19.85 -14.85
N LEU A 169 4.82 -19.40 -14.62
CA LEU A 169 5.31 -19.19 -13.26
C LEU A 169 4.26 -18.35 -12.52
N GLY A 170 3.99 -18.72 -11.28
CA GLY A 170 2.93 -18.09 -10.50
C GLY A 170 1.70 -18.99 -10.33
N THR A 171 1.53 -20.00 -11.19
CA THR A 171 0.34 -20.88 -11.17
C THR A 171 0.61 -22.27 -10.58
N PHE A 172 1.82 -22.51 -10.09
CA PHE A 172 2.17 -23.77 -9.44
C PHE A 172 1.83 -23.76 -7.95
N GLY A 173 1.97 -22.60 -7.32
CA GLY A 173 1.68 -22.49 -5.91
C GLY A 173 0.19 -22.34 -5.64
N GLU A 174 -0.14 -22.38 -4.36
CA GLU A 174 -1.46 -22.00 -3.91
C GLU A 174 -1.73 -20.52 -4.25
N PHE A 175 -0.65 -19.73 -4.20
CA PHE A 175 -0.70 -18.31 -4.56
C PHE A 175 0.49 -17.97 -5.41
N GLY A 176 0.32 -16.96 -6.25
CA GLY A 176 1.41 -16.41 -7.05
C GLY A 176 1.27 -14.89 -7.07
N VAL A 177 2.37 -14.19 -7.28
CA VAL A 177 2.32 -12.71 -7.27
C VAL A 177 3.14 -12.17 -8.43
N TYR A 178 2.60 -11.18 -9.14
CA TYR A 178 3.37 -10.47 -10.17
C TYR A 178 3.44 -9.01 -9.76
N SER A 179 4.47 -8.33 -10.21
CA SER A 179 4.65 -6.89 -9.91
C SER A 179 4.68 -6.13 -11.21
N TYR A 180 4.20 -4.88 -11.12
CA TYR A 180 4.15 -3.92 -12.20
C TYR A 180 4.75 -2.57 -11.73
N ASN A 181 5.71 -2.68 -10.82
CA ASN A 181 6.52 -1.51 -10.43
C ASN A 181 7.26 -0.92 -11.64
N GLY A 182 7.81 0.29 -11.46
CA GLY A 182 8.39 1.07 -12.54
C GLY A 182 9.45 0.37 -13.36
N ASN A 183 10.18 -0.57 -12.79
CA ASN A 183 11.24 -1.20 -13.59
C ASN A 183 11.01 -2.63 -14.08
N LYS A 184 9.82 -3.18 -13.85
CA LYS A 184 9.56 -4.57 -14.24
C LYS A 184 9.28 -4.65 -15.74
N ILE A 185 9.36 -5.86 -16.31
CA ILE A 185 9.20 -6.05 -17.76
C ILE A 185 8.05 -5.19 -18.32
N ILE A 186 6.99 -5.13 -17.53
CA ILE A 186 5.82 -4.36 -17.85
C ILE A 186 5.45 -3.61 -16.58
N THR A 187 4.79 -2.46 -16.71
CA THR A 187 4.61 -1.64 -15.52
C THR A 187 3.30 -0.89 -15.51
N THR A 188 2.75 -0.63 -14.30
CA THR A 188 1.61 0.25 -14.15
C THR A 188 2.00 1.53 -13.40
N SER A 189 3.29 1.87 -13.42
CA SER A 189 3.85 2.88 -12.49
C SER A 189 3.65 2.48 -11.00
N GLY A 190 3.37 1.22 -10.72
CA GLY A 190 3.24 0.70 -9.35
C GLY A 190 2.01 -0.18 -9.37
N GLY A 191 2.15 -1.44 -9.01
CA GLY A 191 0.98 -2.30 -8.92
C GLY A 191 1.41 -3.72 -8.71
N GLY A 192 0.47 -4.56 -8.30
CA GLY A 192 0.78 -5.98 -8.10
C GLY A 192 -0.43 -6.83 -8.45
N MET A 193 -0.21 -8.12 -8.71
CA MET A 193 -1.38 -8.99 -8.89
C MET A 193 -1.21 -10.19 -7.97
N LEU A 194 -2.24 -10.53 -7.19
CA LEU A 194 -2.24 -11.79 -6.45
C LEU A 194 -3.08 -12.81 -7.26
N ILE A 195 -2.48 -13.95 -7.59
CA ILE A 195 -3.27 -14.99 -8.32
C ILE A 195 -3.31 -16.20 -7.44
N GLY A 196 -4.22 -17.15 -7.66
CA GLY A 196 -4.26 -18.30 -6.79
C GLY A 196 -5.23 -19.39 -7.23
N LYS A 197 -5.12 -20.53 -6.57
CA LYS A 197 -5.92 -21.73 -6.94
C LYS A 197 -7.31 -21.69 -6.36
N ASN A 198 -7.41 -21.09 -5.17
CA ASN A 198 -8.63 -21.17 -4.39
C ASN A 198 -9.43 -19.89 -4.44
N LYS A 199 -10.59 -19.93 -5.11
CA LYS A 199 -11.44 -18.76 -5.26
C LYS A 199 -11.77 -18.12 -3.92
N GLU A 200 -12.11 -18.94 -2.94
CA GLU A 200 -12.51 -18.43 -1.63
C GLU A 200 -11.37 -17.66 -0.94
N LYS A 201 -10.17 -18.21 -1.02
CA LYS A 201 -8.99 -17.53 -0.45
C LYS A 201 -8.69 -16.20 -1.15
N ILE A 202 -8.77 -16.18 -2.48
CA ILE A 202 -8.52 -14.96 -3.23
C ILE A 202 -9.59 -13.94 -2.96
N GLU A 203 -10.86 -14.40 -2.86
CA GLU A 203 -11.92 -13.47 -2.45
C GLU A 203 -11.76 -12.92 -1.01
N LYS A 204 -11.22 -13.73 -0.09
CA LYS A 204 -10.92 -13.24 1.26
C LYS A 204 -9.85 -12.13 1.18
N ALA A 205 -8.83 -12.37 0.36
CA ALA A 205 -7.83 -11.31 0.11
C ALA A 205 -8.46 -10.04 -0.46
N ARG A 206 -9.40 -10.19 -1.39
CA ARG A 206 -10.05 -9.04 -1.96
C ARG A 206 -10.80 -8.25 -0.89
N PHE A 207 -11.47 -8.98 0.00
CA PHE A 207 -12.15 -8.38 1.18
C PHE A 207 -11.15 -7.60 2.07
N TYR A 208 -10.00 -8.21 2.37
CA TYR A 208 -8.95 -7.53 3.18
C TYR A 208 -8.40 -6.29 2.49
N SER A 209 -8.30 -6.33 1.15
CA SER A 209 -7.67 -5.25 0.38
C SER A 209 -8.45 -3.93 0.41
N THR A 210 -9.69 -3.94 0.88
CA THR A 210 -10.53 -2.72 0.92
C THR A 210 -11.11 -2.56 2.31
N GLN A 211 -10.26 -2.76 3.32
CA GLN A 211 -10.55 -2.45 4.74
C GLN A 211 -11.59 -3.39 5.39
N ALA A 212 -11.74 -4.62 4.87
CA ALA A 212 -12.49 -5.64 5.58
C ALA A 212 -13.91 -5.17 5.89
N ARG A 213 -14.61 -4.71 4.87
CA ARG A 213 -16.00 -4.20 5.00
C ARG A 213 -17.04 -5.33 4.88
N GLU A 214 -17.97 -5.40 5.82
CA GLU A 214 -19.13 -6.29 5.65
C GLU A 214 -20.05 -5.78 4.57
N ASN A 215 -20.81 -6.70 3.99
CA ASN A 215 -21.75 -6.36 2.96
C ASN A 215 -22.98 -5.69 3.56
N CYS A 216 -22.91 -4.38 3.79
CA CYS A 216 -24.09 -3.64 4.18
C CYS A 216 -23.95 -2.17 3.89
N LEU A 217 -24.95 -1.39 4.27
CA LEU A 217 -25.10 -0.01 3.80
C LEU A 217 -24.12 0.90 4.54
N HIS A 218 -24.05 0.70 5.84
CA HIS A 218 -23.13 1.45 6.67
C HIS A 218 -21.84 0.63 6.78
N TYR A 219 -20.84 1.22 7.44
CA TYR A 219 -19.56 0.53 7.63
C TYR A 219 -19.58 -0.34 8.86
N GLU A 220 -19.35 -1.63 8.64
CA GLU A 220 -19.39 -2.68 9.68
C GLU A 220 -18.21 -3.61 9.51
N HIS A 221 -17.50 -3.88 10.59
CA HIS A 221 -16.24 -4.59 10.52
C HIS A 221 -16.14 -5.63 11.63
N LEU A 222 -15.97 -6.88 11.20
CA LEU A 222 -15.72 -8.02 12.09
C LEU A 222 -14.24 -8.31 12.14
N ASP A 223 -13.50 -7.73 11.21
CA ASP A 223 -12.04 -7.92 11.16
C ASP A 223 -11.43 -6.60 10.64
N TYR A 224 -10.11 -6.50 10.60
CA TYR A 224 -9.45 -5.26 10.05
C TYR A 224 -8.74 -5.68 8.76
N GLY A 225 -8.58 -4.71 7.83
CA GLY A 225 -7.87 -4.98 6.58
C GLY A 225 -6.94 -3.82 6.28
N TYR A 226 -6.83 -3.53 4.98
CA TYR A 226 -5.82 -2.67 4.41
C TYR A 226 -6.41 -1.80 3.31
N ASN A 227 -5.65 -0.81 2.88
CA ASN A 227 -5.93 -0.14 1.61
C ASN A 227 -4.90 -0.60 0.58
N TYR A 228 -5.20 -1.74 -0.05
CA TYR A 228 -4.24 -2.36 -0.95
C TYR A 228 -4.81 -2.43 -2.37
N ARG A 229 -6.05 -1.99 -2.58
CA ARG A 229 -6.69 -2.18 -3.90
C ARG A 229 -6.07 -1.27 -4.98
N LEU A 230 -5.86 -1.79 -6.20
CA LEU A 230 -5.25 -1.00 -7.26
C LEU A 230 -6.24 0.09 -7.72
N SER A 231 -5.75 1.26 -8.07
CA SER A 231 -6.68 2.26 -8.62
C SER A 231 -7.01 1.98 -10.10
N ASN A 232 -8.12 2.56 -10.56
CA ASN A 232 -8.61 2.32 -11.94
C ASN A 232 -7.62 2.88 -12.96
N VAL A 233 -7.04 4.03 -12.65
CA VAL A 233 -6.04 4.62 -13.56
C VAL A 233 -4.83 3.69 -13.76
N LEU A 234 -4.31 3.10 -12.68
CA LEU A 234 -3.19 2.19 -12.85
C LEU A 234 -3.64 0.85 -13.48
N GLY A 235 -4.90 0.46 -13.24
CA GLY A 235 -5.48 -0.74 -13.87
C GLY A 235 -5.48 -0.57 -15.39
N ALA A 236 -5.80 0.63 -15.85
CA ALA A 236 -5.79 0.99 -17.29
C ALA A 236 -4.40 0.82 -17.89
N ILE A 237 -3.37 1.33 -17.18
CA ILE A 237 -2.00 1.10 -17.66
C ILE A 237 -1.68 -0.39 -17.70
N GLY A 238 -2.13 -1.12 -16.68
CA GLY A 238 -1.96 -2.57 -16.61
C GLY A 238 -2.55 -3.32 -17.82
N VAL A 239 -3.74 -2.93 -18.24
CA VAL A 239 -4.36 -3.50 -19.47
C VAL A 239 -3.46 -3.29 -20.69
N ALA A 240 -3.01 -2.04 -20.87
CA ALA A 240 -2.19 -1.66 -22.00
C ALA A 240 -0.83 -2.37 -22.00
N GLN A 241 -0.27 -2.54 -20.80
CA GLN A 241 0.98 -3.25 -20.63
C GLN A 241 0.87 -4.75 -20.96
N MET A 242 -0.21 -5.39 -20.50
CA MET A 242 -0.46 -6.80 -20.81
C MET A 242 -0.58 -7.06 -22.33
N GLU A 243 -1.02 -6.05 -23.09
CA GLU A 243 -1.16 -6.17 -24.57
C GLU A 243 0.19 -6.35 -25.24
N VAL A 244 1.25 -5.88 -24.60
CA VAL A 244 2.57 -6.01 -25.19
C VAL A 244 3.54 -6.95 -24.44
N LEU A 245 3.03 -7.67 -23.45
CA LEU A 245 3.88 -8.48 -22.57
C LEU A 245 4.66 -9.51 -23.40
N GLU A 246 3.95 -10.24 -24.25
CA GLU A 246 4.64 -11.29 -25.00
C GLU A 246 5.71 -10.72 -25.91
N GLN A 247 5.41 -9.64 -26.63
CA GLN A 247 6.43 -9.01 -27.50
C GLN A 247 7.65 -8.60 -26.66
N ARG A 248 7.38 -8.06 -25.48
CA ARG A 248 8.51 -7.62 -24.62
C ARG A 248 9.33 -8.80 -24.13
N VAL A 249 8.69 -9.91 -23.74
CA VAL A 249 9.44 -11.12 -23.34
C VAL A 249 10.37 -11.60 -24.47
N LEU A 250 9.84 -11.65 -25.70
CA LEU A 250 10.68 -12.06 -26.84
C LEU A 250 11.84 -11.12 -27.02
N LYS A 251 11.61 -9.82 -26.87
CA LYS A 251 12.68 -8.85 -27.06
C LYS A 251 13.73 -8.94 -25.91
N LYS A 252 13.28 -9.14 -24.68
CA LYS A 252 14.25 -9.35 -23.56
C LYS A 252 15.17 -10.54 -23.86
N ARG A 253 14.57 -11.61 -24.36
CA ARG A 253 15.34 -12.81 -24.69
C ARG A 253 16.31 -12.55 -25.83
N GLU A 254 15.91 -11.73 -26.80
CA GLU A 254 16.83 -11.39 -27.89
C GLU A 254 18.02 -10.63 -27.35
N ILE A 255 17.72 -9.67 -26.48
CA ILE A 255 18.75 -8.85 -25.84
C ILE A 255 19.73 -9.73 -25.07
N TYR A 256 19.21 -10.68 -24.31
CA TYR A 256 20.07 -11.63 -23.59
C TYR A 256 21.00 -12.42 -24.52
N GLU A 257 20.42 -12.97 -25.59
CA GLU A 257 21.17 -13.71 -26.59
C GLU A 257 22.23 -12.85 -27.27
N TRP A 258 21.95 -11.55 -27.47
CA TRP A 258 22.97 -10.65 -28.00
C TRP A 258 24.12 -10.45 -27.01
N TYR A 259 23.78 -10.16 -25.75
CA TYR A 259 24.85 -10.04 -24.74
C TYR A 259 25.68 -11.32 -24.71
N LYS A 260 25.02 -12.47 -24.78
CA LYS A 260 25.72 -13.74 -24.74
C LYS A 260 26.69 -13.84 -25.93
N GLU A 261 26.21 -13.40 -27.09
CA GLU A 261 27.06 -13.39 -28.26
C GLU A 261 28.29 -12.50 -28.09
N PHE A 262 28.11 -11.28 -27.59
CA PHE A 262 29.19 -10.32 -27.54
C PHE A 262 30.14 -10.51 -26.34
N LEU A 263 29.63 -11.06 -25.23
CA LEU A 263 30.39 -11.09 -23.97
C LEU A 263 30.81 -12.50 -23.57
N GLY A 264 30.31 -13.47 -24.31
CA GLY A 264 30.39 -14.88 -23.98
C GLY A 264 31.81 -15.41 -23.79
N GLU A 265 32.79 -14.66 -24.27
CA GLU A 265 34.16 -15.10 -24.16
C GLU A 265 34.62 -14.92 -22.72
N TYR A 266 34.10 -13.87 -22.07
CA TYR A 266 34.56 -13.46 -20.76
C TYR A 266 33.56 -13.70 -19.65
N PHE A 267 32.28 -13.76 -19.99
CA PHE A 267 31.23 -13.85 -18.98
C PHE A 267 30.46 -15.11 -19.17
N SER A 268 30.00 -15.70 -18.07
CA SER A 268 29.14 -16.86 -18.15
C SER A 268 27.67 -16.50 -18.01
N PHE A 269 26.87 -17.11 -18.87
CA PHE A 269 25.44 -16.85 -18.98
C PHE A 269 24.74 -18.16 -18.67
N LEU A 270 24.31 -18.37 -17.43
CA LEU A 270 23.80 -19.68 -17.02
C LEU A 270 22.47 -19.98 -17.70
N ASP A 271 22.29 -21.21 -18.16
CA ASP A 271 21.10 -21.53 -18.94
C ASP A 271 19.84 -21.60 -18.11
N GLU A 272 18.72 -21.28 -18.76
CA GLU A 272 17.40 -21.57 -18.21
C GLU A 272 17.28 -23.10 -18.13
N LEU A 273 16.47 -23.60 -17.19
CA LEU A 273 16.18 -25.02 -17.11
C LEU A 273 15.66 -25.49 -18.45
N GLU A 274 16.05 -26.70 -18.84
CA GLU A 274 15.43 -27.27 -20.04
C GLU A 274 13.91 -27.31 -19.88
N ASN A 275 13.21 -27.00 -20.95
CA ASN A 275 11.75 -27.03 -20.96
C ASN A 275 11.15 -25.92 -20.07
N SER A 276 11.87 -24.82 -19.91
CA SER A 276 11.31 -23.61 -19.27
C SER A 276 11.59 -22.43 -20.19
N ARG A 277 11.00 -21.28 -19.89
CA ARG A 277 11.19 -20.13 -20.73
C ARG A 277 11.32 -18.95 -19.75
N SER A 278 12.55 -18.52 -19.48
CA SER A 278 12.76 -17.36 -18.63
C SER A 278 12.39 -16.11 -19.41
N ASN A 279 11.72 -15.16 -18.76
CA ASN A 279 11.45 -13.87 -19.40
C ASN A 279 12.68 -12.98 -19.55
N ARG A 280 13.83 -13.41 -18.99
CA ARG A 280 15.05 -12.61 -19.00
C ARG A 280 14.81 -11.15 -18.70
N TRP A 281 14.01 -10.88 -17.66
CA TRP A 281 13.66 -9.52 -17.30
C TRP A 281 14.85 -8.60 -17.19
N LEU A 282 15.95 -9.07 -16.60
CA LEU A 282 17.20 -8.36 -16.69
C LEU A 282 18.22 -9.38 -17.15
N SER A 283 19.07 -8.99 -18.08
CA SER A 283 20.18 -9.82 -18.50
C SER A 283 21.25 -9.77 -17.40
N THR A 284 21.74 -10.94 -16.99
CA THR A 284 22.80 -11.02 -15.98
C THR A 284 23.86 -11.93 -16.49
N ALA A 285 25.06 -11.76 -15.95
CA ALA A 285 26.22 -12.54 -16.39
C ALA A 285 27.21 -12.59 -15.22
N LEU A 286 28.11 -13.58 -15.28
CA LEU A 286 29.13 -13.79 -14.25
C LEU A 286 30.52 -13.76 -14.88
N ILE A 287 31.39 -12.95 -14.31
CA ILE A 287 32.77 -12.84 -14.84
C ILE A 287 33.67 -13.91 -14.23
N ASN A 288 34.62 -14.39 -15.03
CA ASN A 288 35.64 -15.34 -14.55
C ASN A 288 35.04 -16.45 -13.70
N PHE A 289 34.04 -17.13 -14.25
CA PHE A 289 33.24 -18.08 -13.49
C PHE A 289 33.33 -19.45 -14.12
N ASP A 290 33.36 -20.50 -13.29
CA ASP A 290 33.24 -21.87 -13.77
C ASP A 290 32.29 -22.59 -12.85
N LYS A 291 31.45 -23.45 -13.42
CA LYS A 291 30.45 -24.21 -12.67
C LYS A 291 31.00 -25.05 -11.50
N ASN A 292 32.30 -25.36 -11.55
CA ASN A 292 32.93 -26.11 -10.45
C ASN A 292 33.10 -25.31 -9.15
N GLU A 293 32.87 -24.00 -9.22
CA GLU A 293 32.81 -23.14 -8.05
C GLU A 293 31.51 -23.25 -7.24
N LEU A 294 30.47 -23.82 -7.87
CA LEU A 294 29.17 -23.98 -7.21
C LEU A 294 29.23 -24.96 -6.03
N ASN A 295 28.33 -24.75 -5.06
CA ASN A 295 28.13 -25.67 -3.92
C ASN A 295 29.39 -25.89 -3.11
N ALA A 296 30.08 -24.81 -2.79
CA ALA A 296 31.33 -24.86 -2.04
C ALA A 296 31.13 -25.31 -0.57
N CYS A 297 29.88 -25.28 -0.10
CA CYS A 297 29.60 -25.73 1.26
C CYS A 297 28.16 -26.18 1.38
N GLN A 298 27.83 -26.70 2.56
CA GLN A 298 26.47 -27.00 2.94
C GLN A 298 26.40 -26.83 4.43
N LYS A 299 25.81 -25.73 4.86
CA LYS A 299 25.79 -25.43 6.29
C LYS A 299 24.62 -24.55 6.69
N ASP A 300 24.29 -24.61 7.97
CA ASP A 300 23.32 -23.71 8.53
C ASP A 300 24.03 -22.71 9.42
N ILE A 301 23.52 -21.47 9.41
CA ILE A 301 24.05 -20.44 10.28
C ILE A 301 22.92 -19.75 11.00
N ASN A 302 23.29 -18.99 12.00
CA ASN A 302 22.43 -17.93 12.51
C ASN A 302 22.97 -16.66 11.88
N ILE A 303 22.10 -15.91 11.22
CA ILE A 303 22.55 -14.75 10.42
C ILE A 303 23.24 -13.67 11.23
N SER A 304 24.33 -13.14 10.68
CA SER A 304 24.86 -11.86 11.09
C SER A 304 25.28 -11.10 9.83
N GLN A 305 25.31 -9.77 9.91
CA GLN A 305 25.57 -8.95 8.74
C GLN A 305 27.00 -9.19 8.25
N LYS A 306 27.16 -9.28 6.93
CA LYS A 306 28.50 -9.18 6.36
C LYS A 306 28.46 -8.44 5.04
N ASN A 307 29.58 -7.82 4.69
CA ASN A 307 29.75 -7.22 3.38
C ASN A 307 30.23 -8.32 2.45
N ILE A 308 30.09 -8.13 1.14
CA ILE A 308 30.63 -9.05 0.15
C ILE A 308 31.40 -8.22 -0.83
N THR A 309 32.68 -8.55 -1.04
CA THR A 309 33.50 -7.78 -1.94
C THR A 309 33.20 -8.15 -3.39
N LEU A 310 32.90 -7.16 -4.21
CA LEU A 310 32.70 -7.39 -5.64
C LEU A 310 34.05 -7.80 -6.26
N HIS A 311 34.03 -8.74 -7.20
CA HIS A 311 35.22 -9.07 -7.99
C HIS A 311 35.79 -7.76 -8.54
N PRO A 312 37.11 -7.56 -8.52
CA PRO A 312 37.72 -6.31 -8.99
C PRO A 312 37.21 -5.82 -10.37
N LYS A 313 37.00 -6.75 -11.29
CA LYS A 313 36.55 -6.43 -12.65
C LYS A 313 35.11 -5.92 -12.67
N ILE A 314 34.27 -6.45 -11.77
CA ILE A 314 32.89 -5.98 -11.67
C ILE A 314 32.81 -4.59 -11.10
N SER A 315 33.46 -4.30 -9.95
CA SER A 315 33.39 -2.91 -9.46
C SER A 315 33.97 -1.92 -10.47
N LYS A 316 35.03 -2.29 -11.17
CA LYS A 316 35.62 -1.35 -12.14
C LYS A 316 34.67 -1.13 -13.36
N LEU A 317 34.04 -2.22 -13.79
CA LEU A 317 33.06 -2.16 -14.88
C LEU A 317 31.90 -1.20 -14.58
N ILE A 318 31.29 -1.35 -13.40
CA ILE A 318 30.17 -0.48 -13.02
C ILE A 318 30.62 0.99 -13.02
N GLU A 319 31.81 1.22 -12.47
CA GLU A 319 32.37 2.56 -12.43
C GLU A 319 32.66 3.11 -13.84
N ASP A 320 33.35 2.32 -14.65
CA ASP A 320 33.68 2.75 -16.03
C ASP A 320 32.40 3.09 -16.83
N LEU A 321 31.38 2.23 -16.71
CA LEU A 321 30.16 2.42 -17.49
C LEU A 321 29.36 3.61 -16.99
N LYS A 322 29.32 3.79 -15.67
CA LYS A 322 28.68 4.95 -15.04
C LYS A 322 29.29 6.27 -15.57
N ASN A 323 30.58 6.23 -15.89
CA ASN A 323 31.26 7.42 -16.39
C ASN A 323 30.88 7.68 -17.86
N LYS A 324 30.40 6.65 -18.53
CA LYS A 324 29.89 6.81 -19.89
C LYS A 324 28.36 6.87 -19.92
N GLN A 325 27.75 7.21 -18.77
CA GLN A 325 26.31 7.36 -18.63
C GLN A 325 25.52 6.06 -18.86
N ILE A 326 26.18 4.92 -18.63
CA ILE A 326 25.51 3.61 -18.71
C ILE A 326 25.37 2.96 -17.32
N GLU A 327 24.13 2.70 -16.93
CA GLU A 327 23.81 2.15 -15.61
C GLU A 327 23.90 0.62 -15.59
N THR A 328 24.76 0.06 -14.74
CA THR A 328 24.74 -1.39 -14.45
C THR A 328 24.69 -1.54 -12.92
N ARG A 329 24.39 -2.74 -12.44
CA ARG A 329 24.18 -2.90 -11.01
C ARG A 329 24.70 -4.26 -10.56
N PRO A 330 25.15 -4.36 -9.30
CA PRO A 330 25.40 -5.69 -8.72
C PRO A 330 24.08 -6.47 -8.65
N LEU A 331 24.17 -7.78 -8.49
CA LEU A 331 23.03 -8.63 -8.27
C LEU A 331 22.52 -8.40 -6.83
N TRP A 332 21.36 -8.94 -6.52
CA TRP A 332 20.79 -8.85 -5.18
C TRP A 332 21.81 -9.35 -4.13
N LYS A 333 21.84 -8.66 -3.00
CA LYS A 333 22.70 -9.07 -1.88
C LYS A 333 21.87 -9.93 -0.94
N ALA A 334 22.28 -11.19 -0.80
CA ALA A 334 21.52 -12.21 -0.07
C ALA A 334 21.06 -11.83 1.32
N MET A 335 19.82 -12.20 1.64
CA MET A 335 19.20 -11.87 2.91
C MET A 335 20.02 -12.41 4.08
N HIS A 336 20.68 -13.56 3.89
CA HIS A 336 21.52 -14.12 5.00
C HIS A 336 22.79 -13.32 5.32
N THR A 337 23.03 -12.25 4.57
CA THR A 337 24.11 -11.31 4.92
C THR A 337 23.61 -9.97 5.44
N GLN A 338 22.30 -9.83 5.67
CA GLN A 338 21.73 -8.52 6.05
C GLN A 338 21.49 -8.38 7.54
N GLU A 339 21.86 -7.23 8.10
CA GLU A 339 21.64 -6.93 9.52
C GLU A 339 20.19 -7.08 9.97
N VAL A 340 19.24 -6.71 9.11
CA VAL A 340 17.82 -6.80 9.46
C VAL A 340 17.46 -8.22 9.94
N PHE A 341 18.13 -9.23 9.38
CA PHE A 341 17.74 -10.62 9.66
C PHE A 341 18.69 -11.31 10.64
N LYS A 342 19.47 -10.49 11.34
CA LYS A 342 20.31 -10.97 12.42
C LYS A 342 19.60 -11.97 13.32
N GLY A 343 20.23 -13.11 13.55
CA GLY A 343 19.65 -14.13 14.42
C GLY A 343 18.80 -15.16 13.69
N ALA A 344 18.34 -14.84 12.48
CA ALA A 344 17.49 -15.80 11.76
C ALA A 344 18.28 -16.95 11.18
N LYS A 345 17.64 -18.10 11.02
CA LYS A 345 18.34 -19.26 10.47
C LYS A 345 18.49 -19.17 8.94
N ALA A 346 19.62 -19.62 8.40
CA ALA A 346 19.81 -19.73 6.97
C ALA A 346 20.60 -20.99 6.63
N TYR A 347 20.29 -21.57 5.47
CA TYR A 347 21.03 -22.73 4.98
C TYR A 347 21.80 -22.31 3.75
N LEU A 348 23.12 -22.49 3.79
CA LEU A 348 24.03 -21.95 2.77
C LEU A 348 24.71 -23.00 1.97
N ASN A 349 25.01 -22.69 0.70
CA ASN A 349 25.90 -23.52 -0.10
C ASN A 349 27.01 -22.69 -0.77
N GLY A 350 27.01 -21.38 -0.52
CA GLY A 350 28.00 -20.48 -1.08
C GLY A 350 27.58 -19.78 -2.37
N ASN A 351 26.49 -20.23 -2.98
CA ASN A 351 26.19 -19.78 -4.33
C ASN A 351 25.70 -18.33 -4.46
N SER A 352 24.81 -17.87 -3.59
CA SER A 352 24.32 -16.46 -3.72
C SER A 352 25.40 -15.44 -3.43
N GLU A 353 26.32 -15.75 -2.50
CA GLU A 353 27.46 -14.86 -2.27
C GLU A 353 28.41 -14.83 -3.47
N LEU A 354 28.62 -15.98 -4.06
CA LEU A 354 29.49 -16.11 -5.24
C LEU A 354 28.92 -15.31 -6.42
N PHE A 355 27.60 -15.44 -6.62
CA PHE A 355 26.92 -14.71 -7.71
C PHE A 355 26.98 -13.20 -7.48
N PHE A 356 26.79 -12.76 -6.23
CA PHE A 356 27.03 -11.35 -5.95
C PHE A 356 28.46 -10.95 -6.28
N GLN A 357 29.44 -11.73 -5.86
CA GLN A 357 30.85 -11.37 -6.10
C GLN A 357 31.14 -11.16 -7.60
N LYS A 358 30.63 -12.06 -8.43
CA LYS A 358 31.02 -12.09 -9.84
C LYS A 358 29.95 -11.61 -10.84
N GLY A 359 28.78 -11.22 -10.31
CA GLY A 359 27.63 -10.95 -11.18
C GLY A 359 27.48 -9.49 -11.57
N ILE A 360 26.80 -9.30 -12.71
CA ILE A 360 26.44 -7.95 -13.14
C ILE A 360 25.06 -8.01 -13.77
N CYS A 361 24.27 -6.98 -13.49
CA CYS A 361 22.95 -6.80 -14.05
C CYS A 361 23.17 -5.75 -15.15
N LEU A 362 22.79 -6.10 -16.37
CA LEU A 362 23.07 -5.32 -17.58
C LEU A 362 21.85 -4.53 -18.08
N PRO A 363 22.07 -3.42 -18.81
CA PRO A 363 20.91 -2.66 -19.31
C PRO A 363 20.07 -3.59 -20.20
N SER A 364 18.77 -3.64 -19.96
CA SER A 364 17.92 -4.61 -20.65
C SER A 364 16.61 -3.99 -21.18
N GLY A 365 16.61 -2.70 -21.48
CA GLY A 365 15.37 -2.00 -21.84
C GLY A 365 14.99 -2.47 -23.25
N THR A 366 13.71 -2.74 -23.48
CA THR A 366 13.31 -3.36 -24.77
C THR A 366 13.37 -2.40 -25.96
N ALA A 367 13.54 -1.11 -25.70
CA ALA A 367 13.75 -0.16 -26.78
C ALA A 367 15.14 -0.24 -27.37
N MET A 368 16.06 -0.96 -26.73
CA MET A 368 17.41 -1.12 -27.28
C MET A 368 17.48 -1.88 -28.60
N SER A 369 18.34 -1.41 -29.50
CA SER A 369 18.68 -2.15 -30.70
C SER A 369 19.88 -3.07 -30.45
N LYS A 370 20.13 -3.99 -31.37
CA LYS A 370 21.36 -4.79 -31.36
C LYS A 370 22.63 -3.93 -31.30
N ASP A 371 22.63 -2.77 -31.98
CA ASP A 371 23.79 -1.86 -31.91
C ASP A 371 24.01 -1.31 -30.49
N ASP A 372 22.94 -0.87 -29.84
CA ASP A 372 23.01 -0.44 -28.43
C ASP A 372 23.65 -1.52 -27.54
N VAL A 373 23.20 -2.76 -27.70
CA VAL A 373 23.73 -3.84 -26.88
C VAL A 373 25.21 -4.07 -27.25
N TYR A 374 25.51 -3.99 -28.55
CA TYR A 374 26.90 -4.08 -28.96
C TYR A 374 27.81 -2.96 -28.45
N GLU A 375 27.32 -1.72 -28.43
CA GLU A 375 28.10 -0.59 -27.93
C GLU A 375 28.41 -0.74 -26.43
N ILE A 376 27.38 -1.14 -25.68
CA ILE A 376 27.50 -1.43 -24.25
C ILE A 376 28.52 -2.54 -24.04
N SER A 377 28.42 -3.61 -24.83
CA SER A 377 29.29 -4.75 -24.66
C SER A 377 30.77 -4.41 -24.94
N LYS A 378 31.01 -3.58 -25.96
CA LYS A 378 32.37 -3.16 -26.32
C LYS A 378 32.99 -2.34 -25.19
N LEU A 379 32.20 -1.43 -24.61
CA LEU A 379 32.66 -0.70 -23.44
C LEU A 379 33.03 -1.62 -22.26
N ILE A 380 32.21 -2.66 -22.07
CA ILE A 380 32.47 -3.67 -21.03
C ILE A 380 33.80 -4.38 -21.29
N LEU A 381 33.99 -4.83 -22.53
CA LEU A 381 35.23 -5.53 -22.89
C LEU A 381 36.46 -4.63 -22.75
N LYS A 382 36.33 -3.35 -23.08
CA LYS A 382 37.43 -2.39 -22.93
C LYS A 382 37.73 -2.15 -21.44
N SER A 383 36.68 -2.01 -20.63
CA SER A 383 36.83 -1.89 -19.17
C SER A 383 37.56 -3.08 -18.57
N ILE A 384 37.15 -4.30 -18.93
CA ILE A 384 37.71 -5.48 -18.27
C ILE A 384 39.13 -5.83 -18.69
N LYS A 385 39.64 -5.12 -19.71
CA LYS A 385 41.10 -5.06 -19.98
C LYS A 385 41.61 -3.63 -20.11
N GLY B 12 -7.87 20.29 -13.83
CA GLY B 12 -7.99 20.00 -15.28
C GLY B 12 -6.71 19.44 -15.88
N ASN B 13 -5.61 19.55 -15.15
CA ASN B 13 -4.30 19.25 -15.72
C ASN B 13 -3.87 17.79 -15.69
N GLU B 14 -4.76 16.92 -15.19
CA GLU B 14 -4.42 15.49 -14.95
C GLU B 14 -3.80 14.82 -16.18
N LEU B 15 -4.50 14.91 -17.30
CA LEU B 15 -4.04 14.23 -18.49
C LEU B 15 -2.79 14.89 -19.03
N LYS B 16 -2.77 16.21 -18.97
CA LYS B 16 -1.59 16.91 -19.47
C LYS B 16 -0.36 16.40 -18.69
N TYR B 17 -0.50 16.37 -17.35
CA TYR B 17 0.62 15.98 -16.55
C TYR B 17 0.92 14.49 -16.73
N ILE B 18 -0.09 13.65 -16.93
CA ILE B 18 0.21 12.21 -17.12
C ILE B 18 0.95 12.01 -18.45
N GLU B 19 0.55 12.76 -19.46
CA GLU B 19 1.25 12.69 -20.73
C GLU B 19 2.72 13.05 -20.56
N GLU B 20 3.01 14.14 -19.83
CA GLU B 20 4.40 14.50 -19.52
C GLU B 20 5.18 13.39 -18.82
N VAL B 21 4.54 12.73 -17.85
CA VAL B 21 5.14 11.57 -17.18
C VAL B 21 5.58 10.51 -18.18
N PHE B 22 4.68 10.18 -19.11
CA PHE B 22 4.91 9.15 -20.12
C PHE B 22 5.94 9.56 -21.18
N LYS B 23 6.07 10.85 -21.44
CA LYS B 23 7.14 11.34 -22.30
C LYS B 23 8.42 11.41 -21.47
N SER B 24 8.25 11.28 -20.15
CA SER B 24 9.34 11.30 -19.17
C SER B 24 9.96 12.67 -18.98
N GLY B 31 10.67 10.73 -10.53
CA GLY B 31 9.56 11.04 -9.66
C GLY B 31 9.25 12.53 -9.63
N GLU B 32 9.42 13.21 -10.77
CA GLU B 32 9.17 14.65 -10.87
C GLU B 32 7.84 15.02 -10.26
N PHE B 33 6.80 14.26 -10.61
CA PHE B 33 5.50 14.65 -10.12
C PHE B 33 5.26 14.29 -8.70
N VAL B 34 5.92 13.24 -8.21
CA VAL B 34 5.78 12.93 -6.77
C VAL B 34 6.42 14.09 -5.94
N ASN B 35 7.60 14.54 -6.37
CA ASN B 35 8.25 15.71 -5.73
C ASN B 35 7.40 16.96 -5.80
N ARG B 36 6.82 17.23 -6.97
CA ARG B 36 5.96 18.40 -7.14
C ARG B 36 4.70 18.29 -6.29
N PHE B 37 4.15 17.08 -6.15
CA PHE B 37 2.94 16.86 -5.34
C PHE B 37 3.26 17.18 -3.87
N GLU B 38 4.41 16.69 -3.38
CA GLU B 38 4.82 16.97 -2.02
C GLU B 38 5.04 18.49 -1.85
N GLN B 39 5.69 19.11 -2.81
CA GLN B 39 5.86 20.57 -2.74
C GLN B 39 4.53 21.32 -2.72
N SER B 40 3.58 20.92 -3.55
CA SER B 40 2.29 21.61 -3.58
C SER B 40 1.56 21.47 -2.23
N VAL B 41 1.73 20.35 -1.54
CA VAL B 41 1.12 20.22 -0.22
C VAL B 41 1.84 21.08 0.81
N LYS B 42 3.17 21.14 0.72
CA LYS B 42 3.91 22.06 1.59
C LYS B 42 3.50 23.52 1.32
N ASP B 43 3.36 23.87 0.05
CA ASP B 43 2.94 25.25 -0.31
C ASP B 43 1.56 25.59 0.25
N TYR B 44 0.62 24.63 0.18
CA TYR B 44 -0.73 24.86 0.65
C TYR B 44 -0.80 24.85 2.19
N SER B 45 -0.19 23.85 2.83
CA SER B 45 -0.38 23.65 4.27
C SER B 45 0.58 24.44 5.11
N LYS B 46 1.70 24.84 4.51
CA LYS B 46 2.86 25.45 5.24
C LYS B 46 3.66 24.45 6.10
N SER B 47 3.37 23.15 5.99
CA SER B 47 4.25 22.16 6.64
C SER B 47 5.64 22.19 5.97
N GLU B 48 6.69 21.97 6.74
CA GLU B 48 8.06 21.93 6.22
C GLU B 48 8.42 20.58 5.58
N ASN B 49 7.58 19.54 5.81
CA ASN B 49 7.97 18.21 5.38
C ASN B 49 6.74 17.47 4.85
N ALA B 50 6.90 16.84 3.70
CA ALA B 50 5.80 16.12 3.05
C ALA B 50 6.31 14.87 2.36
N LEU B 51 5.54 13.77 2.49
CA LEU B 51 5.93 12.50 1.91
C LEU B 51 4.71 11.87 1.27
N ALA B 52 4.78 11.64 -0.05
CA ALA B 52 3.62 11.12 -0.80
C ALA B 52 3.62 9.60 -0.80
N LEU B 53 2.50 9.04 -0.44
CA LEU B 53 2.43 7.62 -0.19
C LEU B 53 1.18 7.05 -0.86
N ASN B 54 1.06 5.73 -0.95
CA ASN B 54 -0.03 5.18 -1.72
C ASN B 54 -1.41 5.24 -1.03
N SER B 55 -1.46 5.58 0.28
CA SER B 55 -2.75 5.80 0.94
C SER B 55 -2.58 6.56 2.24
N ALA B 56 -3.67 7.11 2.77
CA ALA B 56 -3.62 7.73 4.09
C ALA B 56 -3.37 6.70 5.17
N THR B 57 -3.86 5.46 4.96
CA THR B 57 -3.63 4.39 5.93
C THR B 57 -2.12 4.12 6.07
N ALA B 58 -1.45 4.09 4.93
CA ALA B 58 0.00 3.85 4.87
C ALA B 58 0.69 4.99 5.62
N ALA B 59 0.21 6.19 5.41
CA ALA B 59 0.79 7.39 6.10
C ALA B 59 0.66 7.32 7.62
N LEU B 60 -0.54 6.94 8.06
CA LEU B 60 -0.78 6.72 9.50
C LEU B 60 0.08 5.56 10.06
N HIS B 61 0.25 4.51 9.27
CA HIS B 61 1.07 3.38 9.70
C HIS B 61 2.50 3.86 9.91
N LEU B 62 3.05 4.60 8.94
CA LEU B 62 4.43 5.11 9.08
C LEU B 62 4.53 6.13 10.25
N ALA B 63 3.54 7.00 10.39
CA ALA B 63 3.58 7.95 11.53
C ALA B 63 3.65 7.20 12.86
N LEU B 64 2.83 6.15 13.02
CA LEU B 64 2.87 5.40 14.29
C LEU B 64 4.22 4.70 14.48
N ARG B 65 4.73 4.08 13.43
CA ARG B 65 5.99 3.35 13.60
C ARG B 65 7.13 4.35 13.93
N VAL B 66 7.18 5.48 13.22
CA VAL B 66 8.25 6.43 13.47
C VAL B 66 8.05 7.12 14.83
N ALA B 67 6.79 7.24 15.29
CA ALA B 67 6.54 7.74 16.64
C ALA B 67 7.04 6.76 17.75
N GLY B 68 7.40 5.53 17.37
CA GLY B 68 7.94 4.55 18.32
C GLY B 68 6.92 3.61 18.94
N VAL B 69 5.74 3.52 18.33
CA VAL B 69 4.71 2.62 18.81
C VAL B 69 5.12 1.14 18.53
N LYS B 70 4.98 0.31 19.56
CA LYS B 70 5.38 -1.10 19.53
C LYS B 70 4.21 -1.96 20.00
N GLN B 71 4.33 -3.28 19.79
CA GLN B 71 3.33 -4.21 20.26
C GLN B 71 3.01 -3.89 21.72
N ASP B 72 1.72 -3.83 22.00
CA ASP B 72 1.15 -3.62 23.32
C ASP B 72 1.26 -2.20 23.84
N ASP B 73 1.86 -1.25 23.09
CA ASP B 73 1.69 0.17 23.45
C ASP B 73 0.22 0.59 23.32
N ILE B 74 -0.18 1.64 24.03
CA ILE B 74 -1.55 2.11 23.97
C ILE B 74 -1.60 3.28 23.00
N VAL B 75 -2.56 3.26 22.08
CA VAL B 75 -2.77 4.40 21.22
C VAL B 75 -4.20 4.89 21.38
N LEU B 76 -4.35 6.19 21.68
CA LEU B 76 -5.66 6.77 21.78
C LEU B 76 -6.17 7.09 20.37
N ALA B 77 -7.46 7.02 20.20
CA ALA B 77 -8.02 7.27 18.85
C ALA B 77 -9.48 7.71 18.88
N SER B 78 -9.87 8.47 17.84
CA SER B 78 -11.28 8.83 17.65
C SER B 78 -12.12 7.58 17.46
N SER B 79 -13.26 7.50 18.15
CA SER B 79 -14.22 6.40 17.88
C SER B 79 -15.02 6.67 16.59
N PHE B 80 -15.44 7.92 16.42
CA PHE B 80 -16.34 8.31 15.35
C PHE B 80 -15.41 8.66 14.17
N THR B 81 -15.17 7.64 13.34
CA THR B 81 -14.20 7.69 12.27
C THR B 81 -14.38 6.47 11.33
N PHE B 82 -13.53 6.39 10.32
CA PHE B 82 -13.44 5.24 9.38
C PHE B 82 -12.35 4.36 9.93
N ILE B 83 -12.54 3.04 9.85
CA ILE B 83 -11.56 2.11 10.36
C ILE B 83 -10.19 2.25 9.71
N ALA B 84 -10.12 2.83 8.48
CA ALA B 84 -8.82 3.02 7.83
C ALA B 84 -7.90 3.88 8.69
N SER B 85 -8.49 4.67 9.59
CA SER B 85 -7.70 5.58 10.41
C SER B 85 -7.06 4.87 11.59
N VAL B 86 -7.63 3.73 11.97
CA VAL B 86 -7.15 3.04 13.21
C VAL B 86 -6.58 1.66 12.95
N ALA B 87 -6.82 1.12 11.75
CA ALA B 87 -6.25 -0.20 11.42
C ALA B 87 -4.72 -0.26 11.65
N PRO B 88 -3.95 0.80 11.39
CA PRO B 88 -2.52 0.73 11.71
C PRO B 88 -2.20 0.41 13.16
N ILE B 89 -3.08 0.75 14.10
CA ILE B 89 -2.86 0.36 15.52
C ILE B 89 -2.80 -1.20 15.54
N CYS B 90 -3.73 -1.84 14.84
CA CYS B 90 -3.73 -3.31 14.70
C CYS B 90 -2.50 -3.86 13.99
N TYR B 91 -2.01 -3.18 12.94
CA TYR B 91 -0.82 -3.66 12.23
C TYR B 91 0.37 -3.79 13.18
N LEU B 92 0.50 -2.84 14.09
CA LEU B 92 1.65 -2.84 14.98
C LEU B 92 1.36 -3.66 16.24
N LYS B 93 0.15 -4.22 16.30
CA LYS B 93 -0.31 -4.99 17.49
C LYS B 93 -0.31 -4.13 18.76
N ALA B 94 -0.61 -2.84 18.60
CA ALA B 94 -0.85 -1.97 19.71
C ALA B 94 -2.30 -2.07 20.17
N LYS B 95 -2.63 -1.37 21.26
CA LYS B 95 -3.94 -1.43 21.91
C LYS B 95 -4.65 -0.10 21.80
N PRO B 96 -5.78 -0.07 21.09
CA PRO B 96 -6.50 1.18 20.91
C PRO B 96 -7.36 1.48 22.13
N VAL B 97 -7.49 2.77 22.45
CA VAL B 97 -8.45 3.24 23.42
C VAL B 97 -9.23 4.34 22.71
N PHE B 98 -10.54 4.14 22.59
CA PHE B 98 -11.39 4.96 21.73
C PHE B 98 -12.14 6.01 22.54
N ILE B 99 -12.32 7.19 21.92
CA ILE B 99 -12.92 8.33 22.59
C ILE B 99 -14.05 8.88 21.77
N ASP B 100 -15.18 9.11 22.44
CA ASP B 100 -16.38 9.61 21.78
C ASP B 100 -16.21 11.10 21.44
N CYS B 101 -17.20 11.65 20.76
CA CYS B 101 -17.05 12.98 20.15
C CYS B 101 -17.88 14.09 20.81
N ASP B 102 -17.55 15.34 20.45
CA ASP B 102 -18.37 16.50 20.82
C ASP B 102 -19.21 17.04 19.67
N GLU B 103 -19.70 18.26 19.82
CA GLU B 103 -20.58 18.89 18.84
C GLU B 103 -19.88 19.18 17.50
N THR B 104 -18.55 18.99 17.43
CA THR B 104 -17.84 19.20 16.16
C THR B 104 -17.74 17.90 15.35
N TYR B 105 -18.19 16.78 15.95
CA TYR B 105 -18.01 15.41 15.46
C TYR B 105 -16.66 14.80 15.87
N ASN B 106 -15.79 15.59 16.52
CA ASN B 106 -14.47 15.12 16.90
C ASN B 106 -14.27 14.87 18.40
N ILE B 107 -13.13 14.31 18.75
CA ILE B 107 -12.87 13.85 20.14
C ILE B 107 -13.25 14.92 21.16
N ASP B 108 -14.02 14.50 22.15
CA ASP B 108 -14.40 15.38 23.24
C ASP B 108 -13.22 15.57 24.21
N VAL B 109 -12.93 16.83 24.54
CA VAL B 109 -11.77 17.18 25.33
C VAL B 109 -11.81 16.54 26.75
N ASP B 110 -12.98 16.58 27.40
CA ASP B 110 -13.10 16.00 28.75
C ASP B 110 -12.91 14.47 28.76
N LEU B 111 -13.48 13.80 27.77
CA LEU B 111 -13.26 12.35 27.63
C LEU B 111 -11.80 12.01 27.36
N LEU B 112 -11.14 12.81 26.51
CA LEU B 112 -9.72 12.64 26.25
C LEU B 112 -8.89 12.73 27.55
N LYS B 113 -9.10 13.78 28.34
CA LYS B 113 -8.38 13.89 29.62
C LYS B 113 -8.64 12.70 30.57
N LEU B 114 -9.88 12.26 30.63
CA LEU B 114 -10.29 11.15 31.48
C LEU B 114 -9.62 9.85 31.03
N ALA B 115 -9.65 9.58 29.72
CA ALA B 115 -8.97 8.41 29.16
C ALA B 115 -7.49 8.38 29.51
N ILE B 116 -6.82 9.54 29.40
CA ILE B 116 -5.41 9.64 29.67
C ILE B 116 -5.18 9.39 31.19
N LYS B 117 -6.03 10.00 32.00
CA LYS B 117 -5.93 9.90 33.47
C LYS B 117 -6.04 8.41 33.89
N GLU B 118 -6.93 7.68 33.25
CA GLU B 118 -7.16 6.30 33.63
C GLU B 118 -6.31 5.23 32.94
N CYS B 119 -5.42 5.63 32.04
CA CYS B 119 -4.61 4.65 31.31
C CYS B 119 -3.67 3.94 32.30
N GLU B 120 -3.60 2.62 32.21
CA GLU B 120 -2.70 1.80 33.04
C GLU B 120 -1.23 2.11 32.79
N LYS B 121 -0.89 2.47 31.55
CA LYS B 121 0.45 2.98 31.24
C LYS B 121 0.32 4.17 30.28
N LYS B 122 1.36 5.01 30.19
CA LYS B 122 1.26 6.22 29.37
C LYS B 122 0.93 5.90 27.90
N PRO B 123 -0.15 6.44 27.34
CA PRO B 123 -0.40 6.22 25.91
C PRO B 123 0.73 6.86 25.06
N LYS B 124 1.21 6.17 24.03
CA LYS B 124 2.27 6.72 23.19
C LYS B 124 1.80 7.83 22.24
N ALA B 125 0.58 7.73 21.73
CA ALA B 125 0.15 8.60 20.64
C ALA B 125 -1.35 8.73 20.66
N LEU B 126 -1.86 9.79 20.02
CA LEU B 126 -3.28 9.97 19.75
C LEU B 126 -3.47 10.13 18.24
N ILE B 127 -4.34 9.33 17.65
CA ILE B 127 -4.81 9.56 16.27
C ILE B 127 -6.10 10.34 16.34
N LEU B 128 -6.02 11.61 15.97
CA LEU B 128 -7.18 12.47 16.03
C LEU B 128 -7.79 12.67 14.63
N THR B 129 -9.00 12.15 14.41
CA THR B 129 -9.67 12.41 13.14
C THR B 129 -10.39 13.78 13.13
N HIS B 130 -10.31 14.49 12.01
CA HIS B 130 -11.12 15.69 11.77
C HIS B 130 -12.26 15.27 10.85
N LEU B 131 -13.39 14.90 11.47
CA LEU B 131 -14.44 14.19 10.75
C LEU B 131 -15.26 15.08 9.81
N TYR B 132 -15.48 14.58 8.59
CA TYR B 132 -16.12 15.35 7.49
C TYR B 132 -15.47 16.72 7.26
N GLY B 133 -14.18 16.84 7.59
CA GLY B 133 -13.53 18.14 7.40
C GLY B 133 -13.58 19.09 8.60
N ASN B 134 -14.40 18.81 9.60
CA ASN B 134 -14.56 19.77 10.71
C ASN B 134 -13.34 19.79 11.60
N ALA B 135 -12.91 20.98 12.02
CA ALA B 135 -11.81 21.10 12.96
C ALA B 135 -12.23 20.59 14.35
N ALA B 136 -11.34 19.85 14.99
CA ALA B 136 -11.46 19.51 16.41
C ALA B 136 -11.03 20.72 17.25
N LYS B 137 -11.21 20.65 18.58
CA LYS B 137 -10.81 21.77 19.46
C LYS B 137 -9.30 21.76 19.69
N MET B 138 -8.56 22.32 18.72
CA MET B 138 -7.11 22.15 18.68
C MET B 138 -6.31 22.79 19.83
N ASP B 139 -6.64 24.02 20.21
CA ASP B 139 -5.89 24.62 21.32
C ASP B 139 -5.87 23.67 22.54
N GLU B 140 -7.04 23.15 22.92
CA GLU B 140 -7.14 22.24 24.04
C GLU B 140 -6.43 20.91 23.80
N ILE B 141 -6.67 20.29 22.63
CA ILE B 141 -6.08 18.97 22.37
C ILE B 141 -4.57 19.03 22.25
N VAL B 142 -4.04 20.05 21.60
CA VAL B 142 -2.63 20.14 21.47
C VAL B 142 -1.96 20.27 22.89
N GLU B 143 -2.53 21.12 23.72
CA GLU B 143 -2.02 21.32 25.08
C GLU B 143 -2.11 20.05 25.92
N ILE B 144 -3.25 19.36 25.83
CA ILE B 144 -3.38 18.07 26.53
C ILE B 144 -2.29 17.08 26.08
N CYS B 145 -2.05 16.96 24.76
CA CYS B 145 -1.02 16.03 24.32
C CYS B 145 0.36 16.52 24.78
N LYS B 146 0.55 17.84 24.75
CA LYS B 146 1.85 18.37 25.16
C LYS B 146 2.10 18.10 26.65
N GLU B 147 1.11 18.36 27.47
CA GLU B 147 1.24 18.20 28.93
C GLU B 147 1.48 16.73 29.31
N ASN B 148 1.02 15.80 28.47
CA ASN B 148 1.12 14.41 28.81
C ASN B 148 2.15 13.62 28.00
N ASP B 149 2.93 14.32 27.17
CA ASP B 149 4.00 13.70 26.39
C ASP B 149 3.42 12.68 25.39
N ILE B 150 2.30 13.04 24.76
CA ILE B 150 1.61 12.12 23.81
C ILE B 150 1.85 12.66 22.42
N VAL B 151 2.26 11.81 21.49
CA VAL B 151 2.51 12.27 20.12
C VAL B 151 1.15 12.46 19.45
N LEU B 152 0.91 13.66 18.97
CA LEU B 152 -0.36 13.96 18.29
C LEU B 152 -0.25 13.66 16.78
N ILE B 153 -1.08 12.73 16.28
CA ILE B 153 -1.10 12.41 14.84
C ILE B 153 -2.51 12.82 14.32
N GLU B 154 -2.54 13.79 13.39
CA GLU B 154 -3.81 14.24 12.87
C GLU B 154 -4.19 13.42 11.64
N ASP B 155 -5.32 12.76 11.75
CA ASP B 155 -5.92 12.13 10.59
C ASP B 155 -6.81 13.19 9.93
N ALA B 156 -6.22 13.90 8.98
CA ALA B 156 -6.93 14.93 8.24
C ALA B 156 -7.28 14.38 6.85
N ALA B 157 -7.55 13.07 6.76
CA ALA B 157 -7.87 12.45 5.44
C ALA B 157 -9.03 13.14 4.71
N GLU B 158 -10.03 13.60 5.45
CA GLU B 158 -11.18 14.27 4.84
C GLU B 158 -11.07 15.81 5.01
N ALA B 159 -9.93 16.30 5.50
CA ALA B 159 -9.90 17.68 5.97
C ALA B 159 -8.82 18.51 5.30
N LEU B 160 -8.33 18.06 4.16
CA LEU B 160 -7.42 18.91 3.39
C LEU B 160 -8.21 20.13 2.90
N GLY B 161 -7.76 21.33 3.26
CA GLY B 161 -8.46 22.58 2.98
C GLY B 161 -9.20 23.13 4.17
N SER B 162 -9.22 22.37 5.28
CA SER B 162 -9.80 22.84 6.52
C SER B 162 -8.74 23.56 7.35
N PHE B 163 -9.17 24.56 8.11
CA PHE B 163 -8.27 25.37 8.94
C PHE B 163 -8.83 25.56 10.37
N TYR B 164 -7.93 25.84 11.32
CA TYR B 164 -8.35 26.20 12.66
C TYR B 164 -7.55 27.44 12.99
N LYS B 165 -8.23 28.54 13.32
CA LYS B 165 -7.57 29.85 13.53
C LYS B 165 -6.54 30.11 12.44
N ASN B 166 -6.97 29.93 11.18
CA ASN B 166 -6.16 30.20 10.00
C ASN B 166 -4.89 29.36 9.84
N LYS B 167 -4.81 28.24 10.56
CA LYS B 167 -3.71 27.32 10.40
C LYS B 167 -4.27 25.99 9.88
N ALA B 168 -3.58 25.40 8.90
CA ALA B 168 -4.12 24.23 8.19
C ALA B 168 -4.20 23.02 9.12
N LEU B 169 -5.37 22.36 9.14
CA LEU B 169 -5.50 21.06 9.83
C LEU B 169 -4.47 20.12 9.25
N GLY B 170 -3.82 19.35 10.13
CA GLY B 170 -2.74 18.46 9.77
C GLY B 170 -1.39 19.00 10.21
N THR B 171 -1.29 20.32 10.45
CA THR B 171 -0.02 20.95 10.82
C THR B 171 0.12 21.25 12.32
N PHE B 172 -0.84 20.78 13.12
CA PHE B 172 -0.86 20.95 14.57
C PHE B 172 -0.13 19.80 15.26
N GLY B 173 -0.30 18.57 14.72
CA GLY B 173 0.35 17.39 15.28
C GLY B 173 1.84 17.31 14.95
N GLU B 174 2.53 16.40 15.60
CA GLU B 174 3.87 16.03 15.14
C GLU B 174 3.77 15.52 13.70
N PHE B 175 2.64 14.84 13.41
CA PHE B 175 2.37 14.26 12.08
C PHE B 175 0.95 14.61 11.65
N GLY B 176 0.73 14.72 10.35
CA GLY B 176 -0.65 14.92 9.85
C GLY B 176 -0.79 14.10 8.57
N VAL B 177 -2.01 13.73 8.20
CA VAL B 177 -2.17 12.88 7.01
C VAL B 177 -3.34 13.39 6.18
N TYR B 178 -3.15 13.47 4.88
CA TYR B 178 -4.20 13.86 3.94
C TYR B 178 -4.46 12.68 3.02
N SER B 179 -5.68 12.62 2.49
CA SER B 179 -6.04 11.58 1.53
C SER B 179 -6.59 12.25 0.28
N TYR B 180 -6.58 11.52 -0.85
CA TYR B 180 -6.90 12.19 -2.13
C TYR B 180 -8.25 11.93 -2.85
N ASN B 181 -8.79 10.72 -2.72
CA ASN B 181 -9.94 10.31 -3.54
C ASN B 181 -11.19 9.66 -2.96
N GLY B 182 -11.41 9.77 -1.67
CA GLY B 182 -12.67 9.29 -1.14
C GLY B 182 -12.69 7.79 -0.97
N ASN B 183 -13.85 7.23 -0.65
CA ASN B 183 -13.93 5.92 -0.02
C ASN B 183 -14.63 4.76 -0.75
N LYS B 184 -14.98 4.99 -2.02
CA LYS B 184 -15.47 3.91 -2.89
C LYS B 184 -14.47 2.76 -2.86
N ILE B 185 -14.95 1.52 -2.99
CA ILE B 185 -14.05 0.37 -2.83
C ILE B 185 -12.96 0.33 -3.89
N ILE B 186 -13.22 0.94 -5.06
CA ILE B 186 -12.18 1.21 -6.07
C ILE B 186 -12.32 2.63 -6.52
N THR B 187 -11.20 3.35 -6.51
CA THR B 187 -11.19 4.74 -6.94
C THR B 187 -10.38 4.91 -8.21
N THR B 188 -10.67 6.00 -8.91
CA THR B 188 -9.98 6.36 -10.15
C THR B 188 -8.48 6.49 -9.89
N SER B 189 -8.15 7.29 -8.88
CA SER B 189 -6.77 7.51 -8.53
C SER B 189 -6.58 7.02 -7.08
N GLY B 190 -5.48 7.35 -6.45
CA GLY B 190 -5.32 7.01 -5.03
C GLY B 190 -4.12 7.78 -4.51
N GLY B 191 -3.93 7.79 -3.20
CA GLY B 191 -2.78 8.48 -2.63
C GLY B 191 -3.03 9.03 -1.25
N GLY B 192 -1.94 9.20 -0.51
CA GLY B 192 -2.05 9.88 0.78
C GLY B 192 -0.78 10.72 0.90
N MET B 193 -0.81 11.67 1.83
CA MET B 193 0.38 12.48 2.10
C MET B 193 0.62 12.44 3.60
N LEU B 194 1.86 12.17 4.00
CA LEU B 194 2.26 12.27 5.41
C LEU B 194 3.04 13.60 5.51
N ILE B 195 2.58 14.50 6.38
CA ILE B 195 3.34 15.73 6.65
C ILE B 195 3.79 15.69 8.11
N GLY B 196 4.73 16.54 8.47
CA GLY B 196 5.10 16.56 9.87
C GLY B 196 6.13 17.66 10.19
N LYS B 197 6.36 17.82 11.46
CA LYS B 197 7.17 18.93 12.01
C LYS B 197 8.67 18.63 11.96
N ASN B 198 9.03 17.37 12.05
CA ASN B 198 10.43 16.98 12.23
C ASN B 198 10.99 16.37 10.97
N LYS B 199 11.97 17.06 10.38
CA LYS B 199 12.59 16.60 9.14
C LYS B 199 13.14 15.18 9.24
N GLU B 200 13.84 14.86 10.32
CA GLU B 200 14.47 13.53 10.48
C GLU B 200 13.37 12.42 10.55
N LYS B 201 12.28 12.72 11.23
CA LYS B 201 11.20 11.73 11.39
C LYS B 201 10.53 11.51 10.06
N ILE B 202 10.33 12.57 9.29
CA ILE B 202 9.68 12.38 7.99
C ILE B 202 10.61 11.68 7.04
N GLU B 203 11.91 11.96 7.14
CA GLU B 203 12.84 11.28 6.28
C GLU B 203 12.98 9.80 6.65
N LYS B 204 12.76 9.49 7.92
CA LYS B 204 12.78 8.09 8.35
C LYS B 204 11.54 7.38 7.75
N ALA B 205 10.39 8.05 7.79
CA ALA B 205 9.21 7.49 7.12
C ALA B 205 9.52 7.29 5.65
N ARG B 206 10.19 8.26 5.01
CA ARG B 206 10.49 8.13 3.59
C ARG B 206 11.37 6.88 3.34
N PHE B 207 12.37 6.69 4.20
CA PHE B 207 13.21 5.50 4.21
C PHE B 207 12.36 4.19 4.33
N TYR B 208 11.42 4.16 5.26
CA TYR B 208 10.55 2.98 5.45
C TYR B 208 9.69 2.76 4.22
N SER B 209 9.35 3.87 3.54
CA SER B 209 8.34 3.78 2.43
C SER B 209 8.89 3.14 1.16
N THR B 210 10.21 2.99 1.10
CA THR B 210 10.92 2.37 -0.04
C THR B 210 11.82 1.22 0.40
N GLN B 211 11.25 0.38 1.27
CA GLN B 211 11.83 -0.92 1.67
C GLN B 211 13.10 -0.79 2.52
N ALA B 212 13.25 0.35 3.19
CA ALA B 212 14.35 0.53 4.17
C ALA B 212 15.72 0.21 3.60
N ARG B 213 16.05 0.82 2.46
CA ARG B 213 17.35 0.67 1.78
C ARG B 213 18.38 1.62 2.39
N GLU B 214 19.59 1.13 2.68
CA GLU B 214 20.70 2.01 3.03
C GLU B 214 21.19 2.73 1.79
N ASN B 215 21.86 3.87 1.98
CA ASN B 215 22.31 4.66 0.84
C ASN B 215 23.58 4.10 0.24
N CYS B 216 23.43 3.12 -0.65
CA CYS B 216 24.55 2.56 -1.37
C CYS B 216 24.08 1.92 -2.64
N LEU B 217 25.03 1.50 -3.46
CA LEU B 217 24.74 1.05 -4.80
C LEU B 217 23.97 -0.26 -4.77
N HIS B 218 24.45 -1.21 -3.98
CA HIS B 218 23.77 -2.50 -3.81
C HIS B 218 22.65 -2.37 -2.75
N TYR B 219 21.88 -3.43 -2.52
CA TYR B 219 20.81 -3.41 -1.54
C TYR B 219 21.29 -3.90 -0.19
N GLU B 220 21.23 -3.00 0.81
CA GLU B 220 21.68 -3.29 2.18
C GLU B 220 20.58 -2.79 3.13
N HIS B 221 20.24 -3.62 4.12
CA HIS B 221 19.11 -3.33 4.98
C HIS B 221 19.49 -3.57 6.43
N LEU B 222 19.37 -2.51 7.23
CA LEU B 222 19.43 -2.57 8.71
C LEU B 222 18.08 -2.86 9.36
N ASP B 223 17.01 -2.63 8.61
CA ASP B 223 15.65 -2.80 9.12
C ASP B 223 14.82 -3.23 7.93
N TYR B 224 13.54 -3.48 8.19
CA TYR B 224 12.59 -3.81 7.11
C TYR B 224 11.61 -2.64 6.94
N GLY B 225 11.09 -2.48 5.74
CA GLY B 225 10.13 -1.43 5.50
C GLY B 225 9.00 -1.92 4.61
N TYR B 226 8.57 -1.05 3.69
CA TYR B 226 7.28 -1.22 2.97
C TYR B 226 7.42 -0.77 1.54
N ASN B 227 6.44 -1.10 0.70
CA ASN B 227 6.36 -0.43 -0.59
C ASN B 227 5.16 0.51 -0.49
N TYR B 228 5.38 1.72 0.05
CA TYR B 228 4.31 2.67 0.25
C TYR B 228 4.49 3.94 -0.62
N ARG B 229 5.57 4.03 -1.37
CA ARG B 229 5.81 5.26 -2.12
C ARG B 229 4.78 5.42 -3.25
N LEU B 230 4.29 6.61 -3.43
CA LEU B 230 3.29 6.90 -4.47
C LEU B 230 3.88 6.79 -5.86
N SER B 231 3.11 6.29 -6.80
CA SER B 231 3.58 6.22 -8.20
C SER B 231 3.61 7.62 -8.83
N ASN B 232 4.52 7.82 -9.79
CA ASN B 232 4.67 9.10 -10.48
C ASN B 232 3.41 9.48 -11.23
N VAL B 233 2.72 8.49 -11.82
CA VAL B 233 1.43 8.77 -12.47
C VAL B 233 0.38 9.33 -11.49
N LEU B 234 0.29 8.74 -10.30
CA LEU B 234 -0.70 9.26 -9.36
C LEU B 234 -0.20 10.57 -8.72
N GLY B 235 1.12 10.76 -8.68
CA GLY B 235 1.69 12.03 -8.19
C GLY B 235 1.23 13.14 -9.14
N ALA B 236 1.22 12.84 -10.45
CA ALA B 236 0.76 13.85 -11.48
C ALA B 236 -0.67 14.27 -11.25
N ILE B 237 -1.50 13.28 -10.99
CA ILE B 237 -2.90 13.55 -10.65
C ILE B 237 -3.00 14.35 -9.35
N GLY B 238 -2.20 13.97 -8.35
CA GLY B 238 -2.19 14.73 -7.11
C GLY B 238 -1.86 16.22 -7.30
N VAL B 239 -0.83 16.52 -8.09
CA VAL B 239 -0.49 17.94 -8.38
C VAL B 239 -1.73 18.67 -8.99
N ALA B 240 -2.34 18.07 -10.00
CA ALA B 240 -3.54 18.62 -10.63
C ALA B 240 -4.68 18.83 -9.63
N GLN B 241 -4.89 17.88 -8.71
CA GLN B 241 -5.93 18.01 -7.69
C GLN B 241 -5.59 19.14 -6.73
N MET B 242 -4.31 19.29 -6.36
CA MET B 242 -3.95 20.39 -5.43
C MET B 242 -4.16 21.76 -6.08
N GLU B 243 -3.98 21.85 -7.40
CA GLU B 243 -4.12 23.14 -8.11
C GLU B 243 -5.52 23.66 -8.07
N VAL B 244 -6.47 22.75 -7.91
CA VAL B 244 -7.87 23.14 -7.86
C VAL B 244 -8.52 22.97 -6.49
N LEU B 245 -7.72 22.58 -5.49
CA LEU B 245 -8.25 22.31 -4.14
C LEU B 245 -9.04 23.48 -3.59
N GLU B 246 -8.48 24.68 -3.64
CA GLU B 246 -9.13 25.78 -2.94
C GLU B 246 -10.46 26.13 -3.59
N GLN B 247 -10.49 26.15 -4.92
CA GLN B 247 -11.76 26.36 -5.64
C GLN B 247 -12.81 25.30 -5.25
N ARG B 248 -12.39 24.05 -5.11
CA ARG B 248 -13.30 22.98 -4.70
C ARG B 248 -13.79 23.19 -3.26
N VAL B 249 -12.89 23.58 -2.34
CA VAL B 249 -13.31 23.83 -0.95
C VAL B 249 -14.42 24.94 -0.90
N LEU B 250 -14.20 26.02 -1.64
CA LEU B 250 -15.15 27.14 -1.62
C LEU B 250 -16.48 26.65 -2.16
N LYS B 251 -16.45 25.80 -3.19
CA LYS B 251 -17.69 25.22 -3.77
C LYS B 251 -18.40 24.28 -2.80
N LYS B 252 -17.63 23.40 -2.13
CA LYS B 252 -18.17 22.56 -1.06
C LYS B 252 -18.87 23.39 0.01
N ARG B 253 -18.26 24.52 0.40
CA ARG B 253 -18.86 25.35 1.45
C ARG B 253 -20.13 26.06 0.96
N GLU B 254 -20.15 26.42 -0.32
CA GLU B 254 -21.36 26.98 -0.93
C GLU B 254 -22.48 25.95 -0.92
N ILE B 255 -22.18 24.71 -1.32
CA ILE B 255 -23.16 23.65 -1.33
C ILE B 255 -23.76 23.41 0.07
N TYR B 256 -22.87 23.42 1.07
CA TYR B 256 -23.28 23.26 2.46
C TYR B 256 -24.29 24.35 2.86
N GLU B 257 -23.95 25.60 2.54
CA GLU B 257 -24.81 26.75 2.82
C GLU B 257 -26.16 26.67 2.12
N TRP B 258 -26.19 26.20 0.86
CA TRP B 258 -27.43 25.93 0.13
C TRP B 258 -28.31 24.87 0.81
N TYR B 259 -27.73 23.72 1.18
CA TYR B 259 -28.48 22.73 1.94
C TYR B 259 -29.05 23.31 3.25
N LYS B 260 -28.23 24.06 3.98
CA LYS B 260 -28.64 24.71 5.21
C LYS B 260 -29.86 25.62 4.93
N GLU B 261 -29.77 26.43 3.87
CA GLU B 261 -30.87 27.33 3.49
C GLU B 261 -32.14 26.54 3.24
N PHE B 262 -32.03 25.49 2.44
CA PHE B 262 -33.19 24.73 1.97
C PHE B 262 -33.77 23.77 3.00
N LEU B 263 -32.94 23.29 3.93
CA LEU B 263 -33.33 22.20 4.80
C LEU B 263 -33.26 22.55 6.27
N GLY B 264 -32.86 23.77 6.58
CA GLY B 264 -32.54 24.16 7.94
C GLY B 264 -33.71 24.22 8.92
N GLU B 265 -34.92 24.02 8.41
CA GLU B 265 -36.13 24.02 9.25
C GLU B 265 -36.33 22.68 9.93
N TYR B 266 -35.84 21.62 9.30
CA TYR B 266 -36.06 20.26 9.75
C TYR B 266 -34.77 19.58 10.15
N PHE B 267 -33.65 20.07 9.63
CA PHE B 267 -32.35 19.44 9.86
C PHE B 267 -31.43 20.40 10.60
N SER B 268 -30.60 19.87 11.48
CA SER B 268 -29.62 20.72 12.18
C SER B 268 -28.28 20.59 11.48
N PHE B 269 -27.62 21.73 11.27
CA PHE B 269 -26.35 21.79 10.55
C PHE B 269 -25.35 22.37 11.54
N LEU B 270 -24.68 21.51 12.29
CA LEU B 270 -23.93 22.01 13.45
C LEU B 270 -22.81 22.95 13.00
N ASP B 271 -22.64 24.07 13.69
CA ASP B 271 -21.68 25.05 13.27
C ASP B 271 -20.25 24.55 13.41
N GLU B 272 -19.40 25.01 12.50
CA GLU B 272 -17.97 24.88 12.65
C GLU B 272 -17.55 25.70 13.86
N LEU B 273 -16.46 25.31 14.50
CA LEU B 273 -15.89 26.11 15.60
C LEU B 273 -15.61 27.55 15.17
N GLU B 274 -15.76 28.49 16.11
CA GLU B 274 -15.42 29.90 15.85
C GLU B 274 -14.04 29.99 15.30
N ASN B 275 -13.88 30.79 14.26
CA ASN B 275 -12.59 31.06 13.69
C ASN B 275 -11.94 29.80 13.13
N SER B 276 -12.75 28.84 12.70
CA SER B 276 -12.20 27.73 11.96
C SER B 276 -12.82 27.74 10.59
N ARG B 277 -12.25 26.95 9.67
CA ARG B 277 -12.94 26.77 8.41
C ARG B 277 -13.00 25.29 8.09
N SER B 278 -14.19 24.74 8.10
CA SER B 278 -14.38 23.36 7.69
C SER B 278 -14.42 23.33 6.14
N ASN B 279 -13.71 22.37 5.55
CA ASN B 279 -13.80 22.21 4.11
C ASN B 279 -15.16 21.67 3.64
N ARG B 280 -16.01 21.25 4.57
CA ARG B 280 -17.33 20.70 4.25
C ARG B 280 -17.21 19.67 3.13
N TRP B 281 -16.19 18.82 3.22
CA TRP B 281 -15.96 17.88 2.13
C TRP B 281 -17.18 16.98 1.85
N LEU B 282 -17.91 16.61 2.91
CA LEU B 282 -19.26 16.06 2.72
C LEU B 282 -20.21 16.90 3.55
N SER B 283 -21.33 17.30 2.94
CA SER B 283 -22.39 17.96 3.69
C SER B 283 -23.13 16.91 4.50
N THR B 284 -23.31 17.19 5.77
CA THR B 284 -24.07 16.30 6.66
C THR B 284 -25.06 17.09 7.47
N ALA B 285 -26.10 16.41 7.92
CA ALA B 285 -27.15 17.11 8.70
C ALA B 285 -27.81 16.10 9.62
N LEU B 286 -28.49 16.59 10.66
CA LEU B 286 -29.13 15.74 11.64
C LEU B 286 -30.64 16.03 11.69
N ILE B 287 -31.43 14.97 11.66
CA ILE B 287 -32.91 15.08 11.68
C ILE B 287 -33.42 15.08 13.12
N ASN B 288 -34.44 15.88 13.38
CA ASN B 288 -35.14 15.87 14.66
C ASN B 288 -34.14 15.98 15.81
N PHE B 289 -33.26 16.96 15.73
CA PHE B 289 -32.17 17.06 16.66
C PHE B 289 -32.21 18.34 17.45
N ASP B 290 -31.88 18.23 18.72
CA ASP B 290 -31.69 19.40 19.57
C ASP B 290 -30.41 19.20 20.38
N LYS B 291 -29.67 20.30 20.58
CA LYS B 291 -28.45 20.32 21.43
C LYS B 291 -28.55 19.70 22.82
N ASN B 292 -29.73 19.81 23.45
CA ASN B 292 -29.93 19.23 24.77
C ASN B 292 -29.86 17.72 24.78
N GLU B 293 -29.84 17.12 23.60
CA GLU B 293 -29.64 15.68 23.48
C GLU B 293 -28.18 15.27 23.62
N LEU B 294 -27.26 16.23 23.50
CA LEU B 294 -25.82 15.93 23.56
C LEU B 294 -25.39 15.53 24.97
N ASN B 295 -24.34 14.71 25.07
CA ASN B 295 -23.78 14.34 26.37
C ASN B 295 -24.81 13.72 27.32
N ALA B 296 -25.60 12.80 26.77
CA ALA B 296 -26.73 12.23 27.49
C ALA B 296 -26.37 11.01 28.32
N CYS B 297 -25.32 10.29 27.91
CA CYS B 297 -25.08 8.91 28.35
C CYS B 297 -23.61 8.69 28.61
N GLN B 298 -23.12 9.21 29.74
CA GLN B 298 -21.69 9.15 30.03
C GLN B 298 -21.23 7.86 30.73
N LYS B 299 -20.29 7.16 30.09
CA LYS B 299 -19.82 5.84 30.56
C LYS B 299 -18.51 5.46 29.84
N ASP B 300 -17.80 4.44 30.34
CA ASP B 300 -16.82 3.73 29.53
C ASP B 300 -17.21 2.25 29.51
N ILE B 301 -16.77 1.57 28.44
CA ILE B 301 -17.14 0.18 28.17
C ILE B 301 -15.95 -0.64 27.72
N ASN B 302 -16.11 -1.95 27.85
CA ASN B 302 -15.30 -2.90 27.09
C ASN B 302 -16.10 -3.16 25.82
N ILE B 303 -15.51 -2.82 24.67
CA ILE B 303 -16.27 -2.85 23.42
C ILE B 303 -16.88 -4.20 23.10
N SER B 304 -18.13 -4.14 22.65
CA SER B 304 -18.84 -5.27 22.05
C SER B 304 -19.48 -4.78 20.76
N GLN B 305 -19.70 -5.68 19.80
CA GLN B 305 -20.49 -5.26 18.62
C GLN B 305 -21.85 -4.68 19.03
N LYS B 306 -22.25 -3.59 18.40
CA LYS B 306 -23.55 -3.01 18.73
C LYS B 306 -24.27 -2.57 17.46
N ASN B 307 -25.51 -3.00 17.30
CA ASN B 307 -26.36 -2.51 16.22
C ASN B 307 -27.04 -1.22 16.65
N ILE B 308 -27.13 -0.24 15.75
CA ILE B 308 -27.80 1.01 16.01
C ILE B 308 -28.82 1.20 14.90
N THR B 309 -30.09 1.29 15.28
CA THR B 309 -31.15 1.48 14.32
C THR B 309 -31.12 2.93 13.92
N LEU B 310 -31.13 3.19 12.62
CA LEU B 310 -31.28 4.55 12.15
C LEU B 310 -32.63 5.12 12.56
N HIS B 311 -32.68 6.41 12.83
CA HIS B 311 -33.96 7.07 12.99
C HIS B 311 -34.79 6.72 11.75
N PRO B 312 -36.08 6.41 11.95
CA PRO B 312 -36.93 5.99 10.82
C PRO B 312 -37.04 7.04 9.71
N LYS B 313 -36.87 8.32 9.99
CA LYS B 313 -36.90 9.33 8.93
C LYS B 313 -35.63 9.23 8.05
N ILE B 314 -34.54 8.76 8.67
CA ILE B 314 -33.26 8.63 7.96
C ILE B 314 -33.25 7.40 7.09
N SER B 315 -33.63 6.25 7.63
CA SER B 315 -33.65 5.04 6.82
C SER B 315 -34.59 5.24 5.62
N LYS B 316 -35.73 5.91 5.85
CA LYS B 316 -36.71 6.16 4.78
C LYS B 316 -36.17 7.15 3.75
N LEU B 317 -35.49 8.20 4.22
CA LEU B 317 -34.86 9.17 3.35
C LEU B 317 -33.92 8.46 2.38
N ILE B 318 -33.06 7.60 2.92
CA ILE B 318 -32.06 6.92 2.11
C ILE B 318 -32.73 6.11 0.98
N GLU B 319 -33.68 5.25 1.32
CA GLU B 319 -34.42 4.47 0.31
C GLU B 319 -35.17 5.31 -0.73
N ASP B 320 -35.88 6.34 -0.28
CA ASP B 320 -36.62 7.23 -1.20
C ASP B 320 -35.68 7.82 -2.24
N LEU B 321 -34.54 8.33 -1.78
CA LEU B 321 -33.63 9.01 -2.68
C LEU B 321 -32.89 8.03 -3.54
N LYS B 322 -32.65 6.83 -3.02
CA LYS B 322 -32.03 5.79 -3.82
C LYS B 322 -32.95 5.44 -5.01
N ASN B 323 -34.25 5.50 -4.78
CA ASN B 323 -35.23 5.13 -5.78
C ASN B 323 -35.37 6.23 -6.81
N LYS B 324 -34.98 7.45 -6.44
CA LYS B 324 -34.87 8.56 -7.39
C LYS B 324 -33.41 8.67 -7.87
N GLN B 325 -32.71 7.54 -7.85
CA GLN B 325 -31.32 7.41 -8.27
C GLN B 325 -30.30 8.41 -7.63
N ILE B 326 -30.64 8.97 -6.46
CA ILE B 326 -29.75 9.84 -5.67
C ILE B 326 -29.07 9.09 -4.49
N GLU B 327 -27.74 9.15 -4.42
CA GLU B 327 -27.00 8.40 -3.39
C GLU B 327 -26.78 9.28 -2.14
N THR B 328 -27.20 8.74 -0.99
CA THR B 328 -26.90 9.32 0.33
C THR B 328 -26.48 8.14 1.23
N ARG B 329 -25.90 8.43 2.38
CA ARG B 329 -25.40 7.38 3.22
C ARG B 329 -25.50 7.77 4.69
N PRO B 330 -25.53 6.78 5.55
CA PRO B 330 -25.44 7.06 6.98
C PRO B 330 -24.08 7.65 7.29
N LEU B 331 -23.96 8.26 8.47
CA LEU B 331 -22.64 8.71 8.95
C LEU B 331 -21.78 7.50 9.34
N TRP B 332 -20.49 7.73 9.59
CA TRP B 332 -19.61 6.69 10.07
C TRP B 332 -20.21 6.01 11.29
N LYS B 333 -20.06 4.69 11.35
CA LYS B 333 -20.50 3.90 12.52
C LYS B 333 -19.29 3.71 13.44
N ALA B 334 -19.39 4.25 14.65
CA ALA B 334 -18.25 4.35 15.54
C ALA B 334 -17.53 3.04 15.85
N MET B 335 -16.20 3.13 16.01
CA MET B 335 -15.38 1.97 16.27
C MET B 335 -15.77 1.24 17.54
N HIS B 336 -16.24 1.98 18.55
CA HIS B 336 -16.61 1.31 19.81
C HIS B 336 -17.84 0.42 19.66
N THR B 337 -18.44 0.40 18.48
CA THR B 337 -19.60 -0.50 18.19
C THR B 337 -19.25 -1.65 17.25
N GLN B 338 -17.96 -1.83 16.97
CA GLN B 338 -17.49 -2.76 15.93
C GLN B 338 -16.90 -4.02 16.52
N GLU B 339 -17.36 -5.17 16.03
CA GLU B 339 -16.86 -6.47 16.48
C GLU B 339 -15.35 -6.57 16.46
N VAL B 340 -14.69 -6.02 15.43
CA VAL B 340 -13.23 -6.15 15.34
C VAL B 340 -12.53 -5.61 16.62
N PHE B 341 -13.17 -4.64 17.27
CA PHE B 341 -12.50 -4.02 18.44
C PHE B 341 -13.04 -4.55 19.78
N LYS B 342 -13.73 -5.66 19.73
CA LYS B 342 -14.24 -6.34 20.92
C LYS B 342 -13.18 -6.40 22.03
N GLY B 343 -13.54 -6.00 23.24
CA GLY B 343 -12.57 -6.09 24.31
C GLY B 343 -11.85 -4.76 24.61
N ALA B 344 -11.72 -3.90 23.58
CA ALA B 344 -10.96 -2.66 23.77
C ALA B 344 -11.74 -1.66 24.58
N LYS B 345 -11.05 -0.71 25.21
CA LYS B 345 -11.72 0.27 26.06
C LYS B 345 -12.23 1.44 25.22
N ALA B 346 -13.44 1.90 25.53
CA ALA B 346 -13.96 3.14 24.92
C ALA B 346 -14.59 4.08 25.93
N TYR B 347 -14.28 5.38 25.81
CA TYR B 347 -14.90 6.41 26.65
C TYR B 347 -16.01 7.10 25.90
N LEU B 348 -17.22 7.08 26.48
CA LEU B 348 -18.40 7.51 25.76
C LEU B 348 -19.19 8.60 26.44
N ASN B 349 -19.93 9.36 25.63
CA ASN B 349 -20.91 10.31 26.13
C ASN B 349 -22.20 10.21 25.35
N GLY B 350 -22.30 9.23 24.45
CA GLY B 350 -23.51 9.01 23.64
C GLY B 350 -23.62 9.71 22.28
N ASN B 351 -22.69 10.64 22.03
CA ASN B 351 -22.86 11.53 20.90
C ASN B 351 -22.67 10.82 19.56
N SER B 352 -21.63 10.01 19.40
CA SER B 352 -21.39 9.43 18.07
C SER B 352 -22.47 8.42 17.70
N GLU B 353 -23.07 7.79 18.69
CA GLU B 353 -24.17 6.90 18.41
C GLU B 353 -25.43 7.68 18.02
N LEU B 354 -25.67 8.80 18.68
CA LEU B 354 -26.81 9.66 18.37
C LEU B 354 -26.67 10.25 16.94
N PHE B 355 -25.45 10.64 16.60
CA PHE B 355 -25.20 11.23 15.29
C PHE B 355 -25.42 10.19 14.21
N PHE B 356 -25.00 8.96 14.46
CA PHE B 356 -25.28 7.88 13.54
C PHE B 356 -26.80 7.67 13.37
N GLN B 357 -27.52 7.67 14.49
CA GLN B 357 -28.98 7.50 14.39
C GLN B 357 -29.70 8.56 13.57
N LYS B 358 -29.36 9.81 13.80
CA LYS B 358 -30.11 10.94 13.24
C LYS B 358 -29.42 11.59 12.04
N GLY B 359 -28.28 11.05 11.60
CA GLY B 359 -27.48 11.74 10.60
C GLY B 359 -27.62 11.24 9.19
N ILE B 360 -27.28 12.09 8.24
CA ILE B 360 -27.25 11.72 6.84
C ILE B 360 -26.13 12.45 6.15
N CYS B 361 -25.46 11.74 5.26
CA CYS B 361 -24.42 12.30 4.43
C CYS B 361 -25.05 12.62 3.05
N LEU B 362 -25.08 13.88 2.68
CA LEU B 362 -25.75 14.38 1.46
C LEU B 362 -24.85 14.46 0.22
N PRO B 363 -25.43 14.35 -0.99
CA PRO B 363 -24.64 14.47 -2.21
C PRO B 363 -23.86 15.78 -2.16
N SER B 364 -22.55 15.73 -2.44
CA SER B 364 -21.75 16.93 -2.23
C SER B 364 -20.77 17.20 -3.39
N GLY B 365 -21.04 16.63 -4.57
CA GLY B 365 -20.22 16.85 -5.76
C GLY B 365 -20.11 18.29 -6.18
N THR B 366 -18.89 18.76 -6.44
CA THR B 366 -18.70 20.20 -6.71
C THR B 366 -19.28 20.68 -8.05
N ALA B 367 -19.70 19.75 -8.89
CA ALA B 367 -20.36 20.13 -10.14
C ALA B 367 -21.83 20.51 -9.98
N MET B 368 -22.39 20.29 -8.79
CA MET B 368 -23.79 20.63 -8.58
C MET B 368 -24.02 22.13 -8.56
N SER B 369 -25.11 22.58 -9.17
CA SER B 369 -25.50 23.98 -9.12
C SER B 369 -26.42 24.18 -7.94
N LYS B 370 -26.72 25.44 -7.63
CA LYS B 370 -27.70 25.73 -6.60
C LYS B 370 -29.05 25.09 -6.92
N ASP B 371 -29.44 25.07 -8.20
CA ASP B 371 -30.71 24.45 -8.59
C ASP B 371 -30.69 22.96 -8.32
N ASP B 372 -29.55 22.31 -8.57
CA ASP B 372 -29.43 20.88 -8.27
C ASP B 372 -29.63 20.62 -6.77
N VAL B 373 -29.03 21.46 -5.94
CA VAL B 373 -29.13 21.29 -4.49
C VAL B 373 -30.57 21.65 -4.04
N TYR B 374 -31.14 22.67 -4.66
CA TYR B 374 -32.58 22.97 -4.48
C TYR B 374 -33.48 21.76 -4.71
N GLU B 375 -33.28 21.10 -5.85
CA GLU B 375 -34.09 19.96 -6.26
C GLU B 375 -33.92 18.76 -5.34
N ILE B 376 -32.67 18.38 -5.04
CA ILE B 376 -32.38 17.31 -4.08
C ILE B 376 -33.07 17.59 -2.73
N SER B 377 -33.00 18.85 -2.28
CA SER B 377 -33.57 19.22 -1.00
C SER B 377 -35.11 19.09 -1.05
N LYS B 378 -35.68 19.43 -2.19
CA LYS B 378 -37.14 19.36 -2.33
C LYS B 378 -37.54 17.91 -2.21
N LEU B 379 -36.75 17.02 -2.81
CA LEU B 379 -37.01 15.58 -2.68
C LEU B 379 -36.81 15.09 -1.25
N ILE B 380 -35.81 15.66 -0.56
CA ILE B 380 -35.59 15.37 0.84
C ILE B 380 -36.80 15.78 1.70
N LEU B 381 -37.21 17.04 1.60
CA LEU B 381 -38.38 17.56 2.34
C LEU B 381 -39.64 16.75 2.06
N LYS B 382 -39.81 16.30 0.83
CA LYS B 382 -40.98 15.50 0.47
C LYS B 382 -40.97 14.19 1.24
N SER B 383 -39.80 13.55 1.27
CA SER B 383 -39.61 12.28 1.94
C SER B 383 -39.85 12.32 3.45
N ILE B 384 -39.54 13.45 4.08
CA ILE B 384 -39.65 13.56 5.54
C ILE B 384 -40.87 14.36 6.04
N LYS B 385 -41.49 15.09 5.11
CA LYS B 385 -42.67 15.93 5.36
C LYS B 385 -42.38 17.16 6.22
P X04 C . 6.55 -4.38 -5.58
OP1 X04 C . 6.18 -4.44 -4.09
OP2 X04 C . 5.40 -4.36 -6.66
OP3 X04 C . 7.60 -3.30 -5.84
OP4 X04 C . 7.43 -5.64 -5.92
C5A X04 C . 8.41 -6.06 -5.06
C5 X04 C . 9.28 -7.21 -5.51
C6 X04 C . 9.16 -8.43 -4.85
N2 X04 C . 8.24 -8.65 -3.89
N1 X04 C . 9.97 -9.45 -5.17
C2 X04 C . 10.92 -9.32 -6.13
C2A X04 C . 11.77 -10.55 -6.45
C3 X04 C . 11.06 -8.13 -6.80
O3 X04 C . 11.99 -7.97 -7.74
C4 X04 C . 10.25 -7.05 -6.48
C4A X04 C . 10.43 -5.77 -7.26
C1 BME D . 13.32 -9.14 11.16
C2 BME D . 11.83 -9.32 11.40
O1 BME D . 13.62 -7.84 11.59
S2 BME D . 11.20 -10.41 10.11
P X04 E . -6.97 6.13 2.39
OP1 X04 E . -6.27 4.98 3.22
OP2 X04 E . -6.17 7.04 1.32
OP3 X04 E . -8.33 5.62 1.92
OP4 X04 E . -7.60 7.16 3.47
C5A X04 E . -8.17 6.67 4.66
C5 X04 E . -9.00 7.56 5.56
C6 X04 E . -8.51 7.92 6.82
N2 X04 E . -7.29 7.55 7.24
N1 X04 E . -9.25 8.66 7.67
C2 X04 E . -10.50 9.09 7.33
C2A X04 E . -11.30 9.93 8.30
C3 X04 E . -11.02 8.75 6.10
O3 X04 E . -12.23 9.15 5.76
C4 X04 E . -10.27 7.98 5.22
C4A X04 E . -10.87 7.64 3.88
O1 X04 E . -10.37 8.46 2.82
C1 BME F . -8.35 -5.52 16.58
C2 BME F . -6.84 -5.46 16.66
O1 BME F . -8.74 -6.85 16.28
S2 BME F . -6.38 -3.70 16.68
#